data_8DVU
#
_entry.id   8DVU
#
_cell.length_a   1.00
_cell.length_b   1.00
_cell.length_c   1.00
_cell.angle_alpha   90.00
_cell.angle_beta   90.00
_cell.angle_gamma   90.00
#
_symmetry.space_group_name_H-M   'P 1'
#
loop_
_entity.id
_entity.type
_entity.pdbx_description
1 polymer 'Antiviral innate immune response receptor RIG-I'
2 polymer OHSLR30
3 non-polymer 'ZINC ION'
4 non-polymer 'MAGNESIUM ION'
5 non-polymer "ADENOSINE-5'-DIPHOSPHATE"
#
loop_
_entity_poly.entity_id
_entity_poly.type
_entity_poly.pdbx_seq_one_letter_code
_entity_poly.pdbx_strand_id
1 'polypeptide(L)'
;MTTEQRRSLQAFQDYIRKTLDPTYILSYMAPWFREEEVQYIQAEKNNKGPMEAATLFLKFLLELQEEGWFRGFLDALDHA
GYSGLYEAIESWDFKKIEKLEEYRLLLKRLQPEFKTRIIPTDIISDLSECLINQECEEILQICSTKGMMAGAEKLVECLL
RSDKENWPKTLKLALEKERNKFSELWIVEKGIKDVETEDLEDKMETSDIQIFYQEDPECQNLSENSCPPSEVSDTNLYSP
FKPRNYQLELALPAMKGKNTIICAPTGCGKTFVSLLICEHHLKKFPQGQKGKVVFFANQIPVYEQQKSVFSKYFERHGYR
VTGISGATAENVPVEQIVENNDIIILTPQILVNNLKKGTIPSLSIFTLMIFDECHNTSKQHPYNMIMFNYLDQKLGGSSG
PLPQVIGLTASVGVGDAKNTDEALDYICKLCASLDASVIATVKHNLEELEQVVYKPQKFFRKVESRISDKFKYIIAQLMR
DTESLAKRICKDLENLSQIQNREFGTQKYEQWIVTVQKACMVFQMPDKDEESRICKALFLYTSHLRKYNDALIISEHARM
KDALDYLKDFFSNVRAAGFDEIEQDLTQRFEEKLQELESVSRDPSNENPKLEDLCFILQEEYHLNPETITILFVKTRALV
DALKNWIEGNPKLSFLKPGILTGRGKTNQNTGMTLPAQKCILDAFKASGDHNILIATSVADEGIDIAQCNLVILYEYVGN
VIKMIQTRGRGRARGSKCFLLTSNAGVIEKEQINMYKEKMMNDSILRLQTWDEAVFREKILHIQTHEKFIRDSQEKPKPV
PDKENKKLLCRKCKALACYTADVRVIEECHYTVLGDAFKECFVSRPHPKPKQFSSFEKRAKIFCARQNCSHDWGIHVKYK
TFEIPVIKIESFVVEDIATGVQTLYSKWKDFHFEKIPFDPAEMSK
;
A
2 'polyribonucleotide' GGAUCGAUCGAUCGAUCGGCAUCGAUCGGCUUCGGCCGAUCGAUGCCGAUCGAUCGAUCGAUCC B
#
loop_
_chem_comp.id
_chem_comp.type
_chem_comp.name
_chem_comp.formula
A RNA linking ADENOSINE-5'-MONOPHOSPHATE 'C10 H14 N5 O7 P'
ADP non-polymer ADENOSINE-5'-DIPHOSPHATE 'C10 H15 N5 O10 P2'
C RNA linking CYTIDINE-5'-MONOPHOSPHATE 'C9 H14 N3 O8 P'
G RNA linking GUANOSINE-5'-MONOPHOSPHATE 'C10 H14 N5 O8 P'
MG non-polymer 'MAGNESIUM ION' 'Mg 2'
U RNA linking URIDINE-5'-MONOPHOSPHATE 'C9 H13 N2 O9 P'
ZN non-polymer 'ZINC ION' 'Zn 2'
#
# COMPACT_ATOMS: atom_id res chain seq x y z
N PRO A 240 17.54 2.71 -33.73
CA PRO A 240 16.99 2.41 -32.41
C PRO A 240 18.04 1.98 -31.41
N PHE A 241 17.81 0.85 -30.74
CA PHE A 241 18.74 0.31 -29.76
C PHE A 241 19.42 -0.94 -30.32
N LYS A 242 20.65 -1.16 -29.87
CA LYS A 242 21.40 -2.37 -30.22
C LYS A 242 21.48 -3.26 -28.97
N PRO A 243 21.08 -4.52 -29.06
CA PRO A 243 21.04 -5.36 -27.85
C PRO A 243 22.43 -5.63 -27.32
N ARG A 244 22.60 -5.44 -26.01
CA ARG A 244 23.87 -5.71 -25.37
C ARG A 244 24.10 -7.22 -25.25
N ASN A 245 25.31 -7.59 -24.85
CA ASN A 245 25.65 -9.01 -24.77
C ASN A 245 24.92 -9.71 -23.64
N TYR A 246 24.81 -9.06 -22.48
CA TYR A 246 24.07 -9.67 -21.38
C TYR A 246 22.57 -9.66 -21.64
N GLN A 247 22.08 -8.68 -22.40
CA GLN A 247 20.68 -8.68 -22.79
C GLN A 247 20.35 -9.82 -23.74
N LEU A 248 21.31 -10.24 -24.56
CA LEU A 248 21.14 -11.41 -25.40
C LEU A 248 21.36 -12.71 -24.62
N GLU A 249 22.18 -12.67 -23.57
CA GLU A 249 22.36 -13.83 -22.71
C GLU A 249 21.13 -14.10 -21.87
N LEU A 250 20.42 -13.06 -21.44
CA LEU A 250 19.22 -13.23 -20.65
C LEU A 250 18.05 -13.75 -21.49
N ALA A 251 17.98 -13.35 -22.75
CA ALA A 251 16.89 -13.77 -23.63
C ALA A 251 17.14 -15.11 -24.30
N LEU A 252 18.33 -15.69 -24.13
CA LEU A 252 18.64 -16.94 -24.82
C LEU A 252 17.80 -18.11 -24.32
N PRO A 253 17.66 -18.36 -23.02
CA PRO A 253 16.82 -19.50 -22.60
C PRO A 253 15.34 -19.31 -22.93
N ALA A 254 14.87 -18.07 -22.98
CA ALA A 254 13.47 -17.83 -23.30
C ALA A 254 13.19 -17.95 -24.80
N MET A 255 14.19 -17.68 -25.63
CA MET A 255 14.03 -17.83 -27.07
C MET A 255 14.06 -19.29 -27.51
N LYS A 256 14.38 -20.22 -26.61
CA LYS A 256 14.33 -21.64 -26.91
C LYS A 256 12.95 -22.25 -26.66
N GLY A 257 12.02 -21.48 -26.13
CA GLY A 257 10.69 -21.97 -25.83
C GLY A 257 10.47 -22.43 -24.42
N LYS A 258 11.37 -22.09 -23.50
CA LYS A 258 11.27 -22.52 -22.11
C LYS A 258 10.74 -21.39 -21.24
N ASN A 259 10.00 -21.77 -20.19
CA ASN A 259 9.47 -20.80 -19.23
C ASN A 259 10.61 -20.31 -18.36
N THR A 260 10.99 -19.04 -18.53
CA THR A 260 12.16 -18.47 -17.88
C THR A 260 11.77 -17.35 -16.92
N ILE A 261 12.45 -17.31 -15.78
CA ILE A 261 12.39 -16.17 -14.87
C ILE A 261 13.68 -15.38 -15.07
N ILE A 262 13.55 -14.18 -15.60
CA ILE A 262 14.70 -13.33 -15.90
C ILE A 262 14.94 -12.42 -14.70
N CYS A 263 15.97 -12.74 -13.92
CA CYS A 263 16.34 -11.97 -12.73
C CYS A 263 17.55 -11.12 -13.09
N ALA A 264 17.39 -9.80 -13.03
CA ALA A 264 18.45 -8.88 -13.40
C ALA A 264 18.22 -7.58 -12.65
N PRO A 265 19.29 -6.83 -12.35
CA PRO A 265 19.12 -5.59 -11.56
C PRO A 265 18.27 -4.57 -12.28
N THR A 266 17.78 -3.60 -11.51
CA THR A 266 16.91 -2.57 -12.05
C THR A 266 17.72 -1.57 -12.88
N GLY A 267 17.20 -1.24 -14.06
CA GLY A 267 17.86 -0.30 -14.94
C GLY A 267 18.77 -0.93 -15.97
N CYS A 268 18.75 -2.25 -16.11
CA CYS A 268 19.62 -2.94 -17.07
C CYS A 268 18.96 -3.17 -18.42
N GLY A 269 17.66 -2.92 -18.53
CA GLY A 269 16.98 -3.12 -19.79
C GLY A 269 16.28 -4.47 -19.92
N LYS A 270 15.48 -4.83 -18.91
CA LYS A 270 14.69 -6.06 -18.99
C LYS A 270 13.51 -5.90 -19.94
N THR A 271 12.98 -4.68 -20.07
CA THR A 271 11.92 -4.44 -21.05
C THR A 271 12.42 -4.70 -22.46
N PHE A 272 13.66 -4.32 -22.76
CA PHE A 272 14.23 -4.62 -24.07
C PHE A 272 14.44 -6.12 -24.26
N VAL A 273 14.77 -6.84 -23.18
CA VAL A 273 14.89 -8.29 -23.27
C VAL A 273 13.54 -8.91 -23.61
N SER A 274 12.47 -8.43 -22.96
CA SER A 274 11.14 -8.92 -23.28
C SER A 274 10.73 -8.55 -24.71
N LEU A 275 11.12 -7.36 -25.18
CA LEU A 275 10.86 -6.99 -26.56
C LEU A 275 11.54 -7.94 -27.53
N LEU A 276 12.82 -8.27 -27.27
CA LEU A 276 13.54 -9.21 -28.13
C LEU A 276 12.88 -10.59 -28.09
N ILE A 277 12.46 -11.03 -26.91
CA ILE A 277 11.82 -12.34 -26.80
C ILE A 277 10.51 -12.37 -27.58
N CYS A 278 9.71 -11.30 -27.46
CA CYS A 278 8.44 -11.26 -28.17
C CYS A 278 8.65 -11.16 -29.68
N GLU A 279 9.69 -10.45 -30.11
CA GLU A 279 10.01 -10.36 -31.53
C GLU A 279 10.44 -11.71 -32.08
N HIS A 280 11.26 -12.44 -31.34
CA HIS A 280 11.64 -13.78 -31.78
C HIS A 280 10.45 -14.75 -31.74
N HIS A 281 9.52 -14.54 -30.81
CA HIS A 281 8.38 -15.42 -30.68
C HIS A 281 7.38 -15.22 -31.83
N LEU A 282 7.11 -13.96 -32.17
CA LEU A 282 6.15 -13.68 -33.23
C LEU A 282 6.67 -14.02 -34.61
N LYS A 283 7.99 -14.17 -34.77
CA LYS A 283 8.59 -14.47 -36.06
C LYS A 283 8.76 -15.97 -36.30
N LYS A 284 8.55 -16.81 -35.29
CA LYS A 284 8.78 -18.24 -35.43
C LYS A 284 7.56 -18.99 -35.96
N PHE A 285 6.40 -18.34 -36.04
CA PHE A 285 5.21 -19.02 -36.52
C PHE A 285 5.23 -19.09 -38.05
N PRO A 286 4.87 -20.24 -38.63
CA PRO A 286 4.85 -20.37 -40.09
C PRO A 286 3.76 -19.52 -40.70
N GLN A 287 3.73 -19.51 -42.03
CA GLN A 287 2.71 -18.76 -42.76
C GLN A 287 1.35 -19.42 -42.57
N GLY A 288 0.36 -18.62 -42.18
CA GLY A 288 -0.97 -19.10 -41.87
C GLY A 288 -1.30 -19.10 -40.40
N GLN A 289 -0.30 -19.22 -39.53
CA GLN A 289 -0.48 -19.18 -38.09
C GLN A 289 0.00 -17.84 -37.55
N LYS A 290 -0.49 -17.49 -36.36
CA LYS A 290 -0.18 -16.21 -35.74
C LYS A 290 -0.03 -16.39 -34.24
N GLY A 291 0.92 -15.65 -33.66
CA GLY A 291 1.09 -15.66 -32.23
C GLY A 291 0.36 -14.51 -31.54
N LYS A 292 0.15 -14.67 -30.24
CA LYS A 292 -0.57 -13.67 -29.45
C LYS A 292 0.17 -13.52 -28.13
N VAL A 293 0.72 -12.34 -27.89
CA VAL A 293 1.51 -12.04 -26.70
C VAL A 293 0.70 -11.14 -25.77
N VAL A 294 0.78 -11.42 -24.47
CA VAL A 294 0.16 -10.59 -23.45
C VAL A 294 1.22 -10.20 -22.44
N PHE A 295 1.19 -8.93 -22.04
CA PHE A 295 2.16 -8.36 -21.11
C PHE A 295 1.41 -7.83 -19.91
N PHE A 296 1.64 -8.44 -18.75
CA PHE A 296 0.95 -8.09 -17.52
C PHE A 296 1.75 -7.07 -16.74
N ALA A 297 1.22 -5.87 -16.63
CA ALA A 297 1.77 -4.80 -15.81
C ALA A 297 0.81 -4.52 -14.65
N ASN A 298 1.37 -4.22 -13.48
CA ASN A 298 0.58 -4.12 -12.26
C ASN A 298 0.22 -2.68 -11.89
N GLN A 299 0.71 -1.69 -12.62
CA GLN A 299 0.43 -0.30 -12.32
C GLN A 299 0.05 0.43 -13.59
N ILE A 300 -0.79 1.46 -13.44
CA ILE A 300 -1.25 2.23 -14.62
C ILE A 300 -0.11 2.99 -15.27
N PRO A 301 0.78 3.69 -14.56
CA PRO A 301 1.92 4.31 -15.25
C PRO A 301 2.79 3.30 -15.96
N VAL A 302 3.09 2.17 -15.31
CA VAL A 302 3.88 1.12 -15.94
C VAL A 302 3.15 0.54 -17.15
N TYR A 303 1.83 0.35 -17.02
CA TYR A 303 1.03 -0.17 -18.13
C TYR A 303 1.10 0.76 -19.33
N GLU A 304 0.92 2.06 -19.10
CA GLU A 304 0.96 3.02 -20.21
C GLU A 304 2.35 3.10 -20.83
N GLN A 305 3.39 3.08 -20.00
CA GLN A 305 4.76 3.13 -20.52
C GLN A 305 5.07 1.90 -21.37
N GLN A 306 4.70 0.71 -20.88
CA GLN A 306 4.97 -0.50 -21.64
C GLN A 306 4.15 -0.54 -22.92
N LYS A 307 2.91 -0.07 -22.87
CA LYS A 307 2.09 -0.01 -24.09
C LYS A 307 2.72 0.91 -25.11
N SER A 308 3.17 2.09 -24.69
CA SER A 308 3.84 3.01 -25.60
C SER A 308 5.10 2.38 -26.20
N VAL A 309 5.92 1.74 -25.35
CA VAL A 309 7.15 1.13 -25.83
C VAL A 309 6.86 0.05 -26.86
N PHE A 310 5.92 -0.84 -26.54
CA PHE A 310 5.61 -1.95 -27.45
C PHE A 310 4.98 -1.45 -28.75
N SER A 311 4.19 -0.38 -28.68
CA SER A 311 3.60 0.15 -29.91
C SER A 311 4.65 0.81 -30.79
N LYS A 312 5.54 1.63 -30.22
CA LYS A 312 6.57 2.24 -31.04
C LYS A 312 7.64 1.24 -31.49
N TYR A 313 7.71 0.07 -30.86
CA TYR A 313 8.70 -0.93 -31.28
C TYR A 313 8.16 -1.93 -32.28
N PHE A 314 6.89 -2.32 -32.17
CA PHE A 314 6.38 -3.46 -32.93
C PHE A 314 5.41 -3.10 -34.04
N GLU A 315 4.87 -1.88 -34.06
CA GLU A 315 3.95 -1.51 -35.13
C GLU A 315 4.67 -1.20 -36.44
N ARG A 316 6.00 -1.23 -36.46
CA ARG A 316 6.72 -1.16 -37.72
C ARG A 316 6.70 -2.51 -38.43
N HIS A 317 6.69 -3.59 -37.66
CA HIS A 317 6.62 -4.93 -38.25
C HIS A 317 5.23 -5.27 -38.77
N GLY A 318 4.22 -4.50 -38.39
CA GLY A 318 2.86 -4.76 -38.81
C GLY A 318 2.00 -5.48 -37.80
N TYR A 319 2.35 -5.43 -36.51
CA TYR A 319 1.60 -6.10 -35.46
C TYR A 319 0.64 -5.11 -34.80
N ARG A 320 -0.51 -5.63 -34.37
CA ARG A 320 -1.54 -4.82 -33.74
C ARG A 320 -1.31 -4.83 -32.23
N VAL A 321 -0.84 -3.71 -31.70
CA VAL A 321 -0.57 -3.57 -30.27
C VAL A 321 -1.70 -2.79 -29.64
N THR A 322 -2.26 -3.32 -28.54
CA THR A 322 -3.37 -2.69 -27.86
C THR A 322 -3.17 -2.82 -26.35
N GLY A 323 -4.04 -2.17 -25.60
CA GLY A 323 -3.99 -2.23 -24.15
C GLY A 323 -5.33 -2.03 -23.49
N ILE A 324 -5.66 -2.87 -22.52
CA ILE A 324 -6.90 -2.77 -21.76
C ILE A 324 -6.57 -2.53 -20.30
N SER A 325 -7.33 -1.65 -19.67
CA SER A 325 -7.10 -1.29 -18.27
C SER A 325 -8.44 -0.93 -17.64
N GLY A 326 -8.39 -0.30 -16.46
CA GLY A 326 -9.62 0.15 -15.83
C GLY A 326 -10.17 1.43 -16.41
N ALA A 327 -9.29 2.28 -16.95
CA ALA A 327 -9.74 3.53 -17.58
C ALA A 327 -10.35 3.28 -18.95
N THR A 328 -10.23 2.07 -19.49
CA THR A 328 -10.79 1.78 -20.80
C THR A 328 -12.32 1.73 -20.72
N ALA A 329 -12.97 2.41 -21.65
CA ALA A 329 -14.43 2.45 -21.67
C ALA A 329 -14.98 1.06 -21.95
N GLU A 330 -16.15 0.78 -21.38
CA GLU A 330 -16.77 -0.55 -21.49
C GLU A 330 -17.46 -0.64 -22.85
N ASN A 331 -16.63 -0.69 -23.89
CA ASN A 331 -17.08 -0.94 -25.25
C ASN A 331 -16.06 -1.84 -25.92
N VAL A 332 -16.36 -2.25 -27.16
CA VAL A 332 -15.56 -3.19 -27.96
C VAL A 332 -15.07 -4.32 -27.05
N PRO A 333 -15.97 -5.26 -26.70
CA PRO A 333 -15.68 -6.24 -25.63
C PRO A 333 -14.33 -6.94 -25.72
N VAL A 334 -13.87 -7.45 -24.57
CA VAL A 334 -12.50 -7.95 -24.45
C VAL A 334 -12.27 -9.11 -25.42
N GLU A 335 -13.24 -10.02 -25.56
CA GLU A 335 -13.06 -11.13 -26.48
C GLU A 335 -12.98 -10.65 -27.93
N GLN A 336 -13.41 -9.44 -28.22
CA GLN A 336 -13.23 -8.84 -29.53
C GLN A 336 -11.92 -8.09 -29.66
N ILE A 337 -11.32 -7.68 -28.55
CA ILE A 337 -10.01 -7.04 -28.59
C ILE A 337 -8.90 -8.06 -28.70
N VAL A 338 -8.91 -9.06 -27.82
CA VAL A 338 -7.88 -10.10 -27.83
C VAL A 338 -7.84 -10.80 -29.17
N GLU A 339 -9.00 -11.04 -29.77
CA GLU A 339 -9.06 -11.70 -31.07
C GLU A 339 -8.62 -10.82 -32.22
N ASN A 340 -8.50 -9.51 -32.01
CA ASN A 340 -8.16 -8.58 -33.08
C ASN A 340 -6.82 -7.90 -32.88
N ASN A 341 -5.96 -8.43 -32.02
CA ASN A 341 -4.65 -7.83 -31.78
C ASN A 341 -3.63 -8.94 -31.56
N ASP A 342 -2.36 -8.60 -31.78
CA ASP A 342 -1.26 -9.54 -31.60
C ASP A 342 -0.53 -9.36 -30.29
N ILE A 343 -0.42 -8.13 -29.80
CA ILE A 343 0.21 -7.83 -28.52
C ILE A 343 -0.79 -7.06 -27.67
N ILE A 344 -1.03 -7.52 -26.45
CA ILE A 344 -2.01 -6.92 -25.56
C ILE A 344 -1.33 -6.61 -24.23
N ILE A 345 -1.30 -5.33 -23.87
CA ILE A 345 -0.77 -4.88 -22.59
C ILE A 345 -1.93 -4.83 -21.60
N LEU A 346 -1.95 -5.74 -20.65
CA LEU A 346 -3.05 -5.88 -19.71
C LEU A 346 -2.57 -5.65 -18.27
N THR A 347 -3.52 -5.30 -17.42
CA THR A 347 -3.39 -5.43 -15.97
C THR A 347 -4.01 -6.74 -15.53
N PRO A 348 -3.38 -7.45 -14.58
CA PRO A 348 -3.83 -8.82 -14.28
C PRO A 348 -5.26 -8.92 -13.79
N GLN A 349 -5.82 -7.88 -13.17
CA GLN A 349 -7.18 -7.95 -12.68
C GLN A 349 -8.20 -7.96 -13.81
N ILE A 350 -7.91 -7.30 -14.93
CA ILE A 350 -8.80 -7.34 -16.08
C ILE A 350 -8.92 -8.77 -16.61
N LEU A 351 -7.78 -9.45 -16.73
CA LEU A 351 -7.80 -10.84 -17.20
C LEU A 351 -8.45 -11.75 -16.18
N VAL A 352 -8.24 -11.49 -14.89
CA VAL A 352 -8.89 -12.29 -13.86
C VAL A 352 -10.41 -12.15 -13.96
N ASN A 353 -10.90 -10.92 -14.13
CA ASN A 353 -12.33 -10.69 -14.29
C ASN A 353 -12.88 -11.38 -15.53
N ASN A 354 -12.18 -11.26 -16.66
CA ASN A 354 -12.67 -11.85 -17.90
C ASN A 354 -12.57 -13.37 -17.89
N LEU A 355 -11.68 -13.94 -17.08
CA LEU A 355 -11.62 -15.38 -16.95
C LEU A 355 -12.68 -15.92 -15.99
N LYS A 356 -13.00 -15.16 -14.94
CA LYS A 356 -14.01 -15.64 -13.99
C LYS A 356 -15.43 -15.42 -14.51
N LYS A 357 -15.62 -14.40 -15.35
CA LYS A 357 -16.94 -14.15 -15.91
C LYS A 357 -17.19 -14.93 -17.20
N GLY A 358 -16.20 -15.66 -17.70
CA GLY A 358 -16.38 -16.48 -18.87
C GLY A 358 -16.20 -15.78 -20.20
N THR A 359 -15.79 -14.51 -20.21
CA THR A 359 -15.56 -13.83 -21.48
C THR A 359 -14.39 -14.45 -22.24
N ILE A 360 -13.26 -14.62 -21.57
CA ILE A 360 -12.12 -15.35 -22.13
C ILE A 360 -12.16 -16.76 -21.58
N PRO A 361 -12.52 -17.76 -22.39
CA PRO A 361 -12.70 -19.11 -21.83
C PRO A 361 -11.41 -19.75 -21.34
N SER A 362 -10.34 -19.67 -22.11
CA SER A 362 -9.09 -20.34 -21.78
C SER A 362 -7.91 -19.43 -22.07
N LEU A 363 -6.81 -19.68 -21.37
CA LEU A 363 -5.55 -19.00 -21.64
C LEU A 363 -4.86 -19.52 -22.89
N SER A 364 -5.47 -20.47 -23.60
CA SER A 364 -4.89 -21.02 -24.82
C SER A 364 -4.94 -20.04 -25.99
N ILE A 365 -5.69 -18.94 -25.87
CA ILE A 365 -5.72 -17.94 -26.93
C ILE A 365 -4.39 -17.20 -27.02
N PHE A 366 -3.62 -17.18 -25.94
CA PHE A 366 -2.30 -16.58 -25.94
C PHE A 366 -1.23 -17.64 -26.17
N THR A 367 -0.11 -17.21 -26.76
CA THR A 367 1.05 -18.07 -26.92
C THR A 367 2.26 -17.58 -26.13
N LEU A 368 2.19 -16.40 -25.53
CA LEU A 368 3.28 -15.88 -24.70
C LEU A 368 2.68 -14.95 -23.66
N MET A 369 3.03 -15.18 -22.39
CA MET A 369 2.63 -14.33 -21.29
C MET A 369 3.89 -13.81 -20.61
N ILE A 370 3.95 -12.50 -20.38
CA ILE A 370 5.12 -11.85 -19.80
C ILE A 370 4.66 -11.07 -18.58
N PHE A 371 5.00 -11.56 -17.40
CA PHE A 371 4.65 -10.91 -16.15
C PHE A 371 5.76 -9.96 -15.74
N ASP A 372 5.49 -8.66 -15.78
CA ASP A 372 6.44 -7.68 -15.29
C ASP A 372 6.45 -7.67 -13.77
N GLU A 373 7.64 -7.73 -13.17
CA GLU A 373 7.80 -7.87 -11.72
C GLU A 373 7.10 -9.13 -11.22
N CYS A 374 7.59 -10.27 -11.71
CA CYS A 374 6.94 -11.56 -11.46
C CYS A 374 7.14 -12.08 -10.04
N HIS A 375 7.96 -11.41 -9.22
CA HIS A 375 8.07 -11.80 -7.82
C HIS A 375 6.77 -11.57 -7.05
N ASN A 376 5.82 -10.84 -7.63
CA ASN A 376 4.52 -10.64 -7.03
C ASN A 376 3.64 -11.88 -7.06
N THR A 377 4.04 -12.92 -7.78
CA THR A 377 3.27 -14.16 -7.83
C THR A 377 3.34 -14.83 -6.46
N SER A 378 2.31 -14.65 -5.65
CA SER A 378 2.34 -14.99 -4.23
C SER A 378 0.94 -15.43 -3.82
N LYS A 379 0.67 -15.40 -2.52
CA LYS A 379 -0.52 -16.00 -1.91
C LYS A 379 -1.80 -15.79 -2.71
N GLN A 380 -2.20 -14.53 -2.93
CA GLN A 380 -3.47 -14.25 -3.58
C GLN A 380 -3.36 -13.14 -4.63
N HIS A 381 -2.16 -12.85 -5.11
CA HIS A 381 -1.98 -11.80 -6.11
C HIS A 381 -2.69 -12.20 -7.42
N PRO A 382 -3.20 -11.21 -8.17
CA PRO A 382 -3.81 -11.52 -9.48
C PRO A 382 -2.90 -12.29 -10.42
N TYR A 383 -1.59 -12.04 -10.37
CA TYR A 383 -0.64 -12.88 -11.09
C TYR A 383 -0.85 -14.34 -10.73
N ASN A 384 -0.99 -14.62 -9.43
CA ASN A 384 -1.19 -16.00 -9.00
C ASN A 384 -2.57 -16.53 -9.36
N MET A 385 -3.58 -15.67 -9.52
CA MET A 385 -4.87 -16.15 -10.01
C MET A 385 -4.78 -16.57 -11.47
N ILE A 386 -4.10 -15.76 -12.29
CA ILE A 386 -3.86 -16.15 -13.68
C ILE A 386 -3.08 -17.46 -13.73
N MET A 387 -2.06 -17.60 -12.87
CA MET A 387 -1.29 -18.84 -12.86
C MET A 387 -2.08 -20.01 -12.30
N PHE A 388 -3.04 -19.76 -11.40
CA PHE A 388 -3.93 -20.83 -10.95
C PHE A 388 -4.78 -21.34 -12.11
N ASN A 389 -5.32 -20.42 -12.92
CA ASN A 389 -6.04 -20.83 -14.12
C ASN A 389 -5.13 -21.64 -15.05
N TYR A 390 -3.91 -21.15 -15.25
CA TYR A 390 -2.94 -21.84 -16.11
C TYR A 390 -2.68 -23.26 -15.62
N LEU A 391 -2.44 -23.42 -14.32
CA LEU A 391 -2.10 -24.73 -13.77
C LEU A 391 -3.31 -25.65 -13.67
N ASP A 392 -4.50 -25.10 -13.48
CA ASP A 392 -5.70 -25.92 -13.53
C ASP A 392 -5.94 -26.45 -14.94
N GLN A 393 -5.62 -25.64 -15.96
CA GLN A 393 -5.68 -26.16 -17.33
C GLN A 393 -4.57 -27.16 -17.59
N LYS A 394 -3.40 -26.97 -16.97
CA LYS A 394 -2.27 -27.86 -17.21
C LYS A 394 -2.47 -29.20 -16.52
N LEU A 395 -2.68 -29.18 -15.20
CA LEU A 395 -2.86 -30.39 -14.41
C LEU A 395 -4.35 -30.76 -14.39
N GLY A 396 -4.65 -31.99 -14.78
CA GLY A 396 -6.02 -32.46 -14.76
C GLY A 396 -6.76 -32.27 -16.07
N GLY A 397 -7.53 -31.21 -16.17
CA GLY A 397 -8.33 -30.94 -17.36
C GLY A 397 -7.49 -30.52 -18.54
N SER A 398 -6.76 -31.47 -19.13
CA SER A 398 -5.78 -31.19 -20.16
C SER A 398 -6.49 -30.70 -21.42
N SER A 399 -6.51 -29.39 -21.61
CA SER A 399 -7.03 -28.76 -22.81
C SER A 399 -5.90 -28.65 -23.84
N GLY A 400 -6.10 -27.84 -24.87
CA GLY A 400 -5.11 -27.67 -25.90
C GLY A 400 -3.85 -26.98 -25.40
N PRO A 401 -3.12 -26.35 -26.33
CA PRO A 401 -1.81 -25.78 -25.97
C PRO A 401 -1.93 -24.68 -24.92
N LEU A 402 -0.82 -24.48 -24.21
CA LEU A 402 -0.70 -23.46 -23.17
C LEU A 402 0.40 -22.47 -23.53
N PRO A 403 0.26 -21.21 -23.15
CA PRO A 403 1.27 -20.21 -23.51
C PRO A 403 2.55 -20.40 -22.72
N GLN A 404 3.62 -19.81 -23.24
CA GLN A 404 4.91 -19.80 -22.57
C GLN A 404 4.96 -18.62 -21.60
N VAL A 405 5.28 -18.91 -20.34
CA VAL A 405 5.26 -17.91 -19.28
C VAL A 405 6.68 -17.42 -19.04
N ILE A 406 6.84 -16.10 -18.90
CA ILE A 406 8.14 -15.48 -18.69
C ILE A 406 7.97 -14.35 -17.68
N GLY A 407 8.83 -14.32 -16.67
CA GLY A 407 8.78 -13.30 -15.64
C GLY A 407 9.94 -12.32 -15.78
N LEU A 408 9.72 -11.08 -15.32
CA LEU A 408 10.72 -10.02 -15.45
C LEU A 408 10.98 -9.38 -14.08
N THR A 409 11.24 -10.22 -13.09
CA THR A 409 11.52 -9.73 -11.75
C THR A 409 12.97 -9.27 -11.64
N ALA A 410 13.27 -8.58 -10.53
CA ALA A 410 14.62 -8.19 -10.19
C ALA A 410 15.10 -8.80 -8.87
N SER A 411 14.19 -9.37 -8.08
CA SER A 411 14.55 -10.01 -6.81
C SER A 411 13.46 -10.99 -6.45
N VAL A 412 13.79 -12.28 -6.35
CA VAL A 412 12.78 -13.29 -6.10
C VAL A 412 12.23 -13.16 -4.68
N GLY A 413 13.01 -12.57 -3.77
CA GLY A 413 12.50 -12.29 -2.43
C GLY A 413 12.29 -13.50 -1.55
N VAL A 414 13.39 -14.12 -1.12
CA VAL A 414 13.37 -15.36 -0.35
C VAL A 414 12.70 -15.19 1.01
N GLY A 415 12.23 -13.98 1.33
CA GLY A 415 11.57 -13.69 2.59
C GLY A 415 10.58 -14.73 3.05
N ASP A 416 10.41 -14.83 4.37
CA ASP A 416 9.77 -15.90 5.14
C ASP A 416 10.75 -17.05 5.35
N ALA A 417 11.97 -16.95 4.84
CA ALA A 417 13.01 -17.94 5.07
C ALA A 417 14.03 -17.40 6.06
N LYS A 418 14.72 -18.32 6.75
CA LYS A 418 15.74 -17.96 7.72
C LYS A 418 17.12 -18.53 7.41
N ASN A 419 17.21 -19.55 6.56
CA ASN A 419 18.49 -20.12 6.14
C ASN A 419 18.47 -20.31 4.64
N THR A 420 19.57 -20.88 4.11
CA THR A 420 19.68 -21.07 2.67
C THR A 420 18.72 -22.13 2.16
N ASP A 421 18.44 -23.15 2.96
CA ASP A 421 17.55 -24.22 2.52
C ASP A 421 16.12 -23.73 2.38
N GLU A 422 15.63 -22.96 3.35
CA GLU A 422 14.29 -22.39 3.24
C GLU A 422 14.21 -21.37 2.11
N ALA A 423 15.30 -20.65 1.86
CA ALA A 423 15.33 -19.73 0.72
C ALA A 423 15.22 -20.48 -0.60
N LEU A 424 15.95 -21.58 -0.73
CA LEU A 424 15.85 -22.41 -1.93
C LEU A 424 14.45 -23.00 -2.08
N ASP A 425 13.84 -23.38 -0.95
CA ASP A 425 12.47 -23.89 -0.99
C ASP A 425 11.49 -22.84 -1.49
N TYR A 426 11.63 -21.61 -0.99
CA TYR A 426 10.74 -20.54 -1.45
C TYR A 426 10.98 -20.23 -2.92
N ILE A 427 12.23 -20.26 -3.36
CA ILE A 427 12.51 -19.99 -4.77
C ILE A 427 11.92 -21.07 -5.65
N CYS A 428 12.02 -22.33 -5.22
CA CYS A 428 11.39 -23.42 -5.96
C CYS A 428 9.87 -23.26 -6.00
N LYS A 429 9.28 -22.82 -4.88
CA LYS A 429 7.84 -22.57 -4.86
C LYS A 429 7.46 -21.44 -5.81
N LEU A 430 8.31 -20.42 -5.93
CA LEU A 430 8.04 -19.32 -6.84
C LEU A 430 8.13 -19.77 -8.29
N CYS A 431 9.15 -20.56 -8.64
CA CYS A 431 9.23 -21.09 -10.00
C CYS A 431 8.13 -22.10 -10.30
N ALA A 432 7.57 -22.75 -9.27
CA ALA A 432 6.43 -23.63 -9.50
C ALA A 432 5.14 -22.84 -9.67
N SER A 433 5.00 -21.71 -8.97
CA SER A 433 3.82 -20.87 -9.15
C SER A 433 3.74 -20.30 -10.56
N LEU A 434 4.89 -19.98 -11.15
CA LEU A 434 4.96 -19.44 -12.50
C LEU A 434 5.29 -20.50 -13.54
N ASP A 435 5.41 -21.76 -13.13
CA ASP A 435 5.72 -22.88 -14.02
C ASP A 435 7.02 -22.64 -14.78
N ALA A 436 8.00 -22.06 -14.10
CA ALA A 436 9.28 -21.72 -14.69
C ALA A 436 10.33 -22.78 -14.36
N SER A 437 11.19 -23.06 -15.33
CA SER A 437 12.27 -24.02 -15.15
C SER A 437 13.65 -23.40 -15.25
N VAL A 438 13.75 -22.12 -15.61
CA VAL A 438 15.03 -21.44 -15.73
C VAL A 438 14.96 -20.13 -14.95
N ILE A 439 16.07 -19.79 -14.30
CA ILE A 439 16.16 -18.57 -13.51
C ILE A 439 17.27 -17.71 -14.11
N ALA A 440 17.41 -17.79 -15.44
CA ALA A 440 18.52 -17.19 -16.18
C ALA A 440 18.93 -15.81 -15.69
N THR A 441 20.19 -15.67 -15.32
CA THR A 441 20.77 -14.41 -14.87
C THR A 441 22.00 -14.09 -15.70
N VAL A 442 22.65 -12.99 -15.37
CA VAL A 442 23.87 -12.56 -16.05
C VAL A 442 25.05 -13.23 -15.36
N LYS A 443 25.67 -14.19 -16.05
CA LYS A 443 26.81 -14.92 -15.50
C LYS A 443 28.08 -14.74 -16.31
N HIS A 444 27.98 -14.63 -17.63
CA HIS A 444 29.15 -14.50 -18.49
C HIS A 444 29.52 -13.03 -18.72
N ASN A 445 28.55 -12.23 -19.17
CA ASN A 445 28.79 -10.81 -19.44
C ASN A 445 28.49 -9.96 -18.21
N LEU A 446 29.11 -10.30 -17.09
CA LEU A 446 28.92 -9.55 -15.85
C LEU A 446 29.80 -8.31 -15.78
N GLU A 447 30.93 -8.30 -16.49
CA GLU A 447 31.77 -7.11 -16.51
C GLU A 447 31.13 -5.98 -17.30
N GLU A 448 30.21 -6.31 -18.21
CA GLU A 448 29.48 -5.30 -18.98
C GLU A 448 28.22 -4.83 -18.25
N LEU A 449 27.57 -5.71 -17.50
CA LEU A 449 26.39 -5.32 -16.74
C LEU A 449 26.74 -4.30 -15.65
N GLU A 450 27.92 -4.44 -15.04
CA GLU A 450 28.33 -3.52 -13.99
C GLU A 450 28.67 -2.13 -14.51
N GLN A 451 28.82 -1.96 -15.82
CA GLN A 451 29.04 -0.65 -16.41
C GLN A 451 27.75 0.08 -16.72
N VAL A 452 26.61 -0.59 -16.63
CA VAL A 452 25.30 0.02 -16.85
C VAL A 452 24.61 0.36 -15.55
N VAL A 453 24.58 -0.59 -14.61
CA VAL A 453 24.00 -0.39 -13.30
C VAL A 453 25.12 -0.42 -12.26
N TYR A 454 24.94 0.33 -11.18
CA TYR A 454 25.91 0.42 -10.11
C TYR A 454 25.21 0.15 -8.78
N LYS A 455 25.87 -0.63 -7.92
CA LYS A 455 25.32 -0.94 -6.61
C LYS A 455 25.89 0.04 -5.59
N PRO A 456 25.07 0.90 -4.99
CA PRO A 456 25.61 1.91 -4.07
C PRO A 456 26.12 1.29 -2.78
N GLN A 457 26.72 2.13 -1.96
CA GLN A 457 27.31 1.73 -0.69
C GLN A 457 26.33 2.04 0.43
N LYS A 458 26.04 1.03 1.26
CA LYS A 458 25.10 1.20 2.35
C LYS A 458 25.82 1.75 3.59
N PHE A 459 25.21 2.76 4.21
CA PHE A 459 25.75 3.39 5.41
C PHE A 459 24.64 3.51 6.44
N PHE A 460 24.86 2.92 7.62
CA PHE A 460 23.89 2.95 8.70
C PHE A 460 24.22 4.10 9.64
N ARG A 461 23.21 4.87 10.02
CA ARG A 461 23.38 6.04 10.90
C ARG A 461 22.41 5.88 12.06
N LYS A 462 22.92 5.40 13.19
CA LYS A 462 22.13 5.24 14.41
C LYS A 462 22.33 6.48 15.28
N VAL A 463 21.23 7.17 15.58
CA VAL A 463 21.27 8.37 16.41
C VAL A 463 20.58 8.05 17.74
N GLU A 464 20.97 8.80 18.76
CA GLU A 464 20.39 8.64 20.09
C GLU A 464 19.27 9.64 20.30
N SER A 465 18.17 9.17 20.87
CA SER A 465 17.03 10.03 21.14
C SER A 465 17.39 11.12 22.14
N ARG A 466 16.66 12.23 22.08
CA ARG A 466 16.91 13.34 22.98
C ARG A 466 16.58 12.93 24.42
N ILE A 467 17.47 13.25 25.34
CA ILE A 467 17.30 12.81 26.73
C ILE A 467 16.22 13.62 27.42
N SER A 468 16.31 14.95 27.36
CA SER A 468 15.36 15.84 28.01
C SER A 468 14.25 16.18 27.01
N ASP A 469 13.12 15.49 27.15
CA ASP A 469 11.96 15.73 26.31
C ASP A 469 10.86 16.34 27.17
N LYS A 470 10.72 17.67 27.11
CA LYS A 470 9.70 18.35 27.88
C LYS A 470 8.36 18.39 27.16
N PHE A 471 8.37 18.41 25.83
CA PHE A 471 7.14 18.22 25.06
C PHE A 471 6.48 16.90 25.43
N LYS A 472 7.27 15.82 25.46
CA LYS A 472 6.77 14.53 25.88
C LYS A 472 6.24 14.59 27.32
N TYR A 473 6.92 15.35 28.18
CA TYR A 473 6.47 15.47 29.57
C TYR A 473 5.10 16.11 29.65
N ILE A 474 4.90 17.24 28.96
CA ILE A 474 3.62 17.94 29.01
C ILE A 474 2.51 17.08 28.41
N ILE A 475 2.80 16.46 27.26
CA ILE A 475 1.77 15.65 26.62
C ILE A 475 1.44 14.42 27.46
N ALA A 476 2.43 13.85 28.14
CA ALA A 476 2.17 12.70 29.01
C ALA A 476 1.35 13.11 30.22
N GLN A 477 1.58 14.30 30.77
CA GLN A 477 0.73 14.77 31.86
C GLN A 477 -0.70 14.99 31.38
N LEU A 478 -0.87 15.54 30.18
CA LEU A 478 -2.21 15.70 29.63
C LEU A 478 -2.89 14.34 29.43
N MET A 479 -2.15 13.36 28.94
CA MET A 479 -2.70 12.02 28.77
C MET A 479 -3.07 11.39 30.10
N ARG A 480 -2.25 11.61 31.13
CA ARG A 480 -2.58 11.07 32.45
C ARG A 480 -3.84 11.73 33.00
N ASP A 481 -4.01 13.04 32.78
CA ASP A 481 -5.22 13.71 33.22
C ASP A 481 -6.45 13.18 32.51
N THR A 482 -6.37 13.04 31.18
CA THR A 482 -7.50 12.51 30.42
C THR A 482 -7.81 11.07 30.82
N GLU A 483 -6.78 10.27 31.10
CA GLU A 483 -7.00 8.89 31.52
C GLU A 483 -7.64 8.84 32.90
N SER A 484 -7.24 9.75 33.79
CA SER A 484 -7.88 9.82 35.10
C SER A 484 -9.34 10.19 34.98
N LEU A 485 -9.67 11.13 34.09
CA LEU A 485 -11.07 11.49 33.88
C LEU A 485 -11.87 10.32 33.33
N ALA A 486 -11.30 9.61 32.34
CA ALA A 486 -12.00 8.47 31.75
C ALA A 486 -12.18 7.34 32.76
N LYS A 487 -11.18 7.14 33.64
CA LYS A 487 -11.31 6.11 34.67
C LYS A 487 -12.29 6.53 35.75
N ARG A 488 -12.39 7.83 36.03
CA ARG A 488 -13.37 8.31 36.99
C ARG A 488 -14.79 8.13 36.47
N ILE A 489 -14.98 8.28 35.16
CA ILE A 489 -16.33 8.14 34.61
C ILE A 489 -16.65 6.70 34.18
N CYS A 490 -15.65 5.84 34.06
CA CYS A 490 -15.87 4.45 33.65
C CYS A 490 -15.65 3.44 34.76
N LYS A 491 -14.59 3.59 35.55
CA LYS A 491 -14.25 2.77 36.72
C LYS A 491 -13.78 1.37 36.35
N ASP A 492 -13.78 0.99 35.08
CA ASP A 492 -13.39 -0.35 34.68
C ASP A 492 -12.53 -0.32 33.42
N LEU A 493 -11.73 0.73 33.25
CA LEU A 493 -10.89 0.83 32.06
C LEU A 493 -9.80 -0.21 32.02
N GLU A 494 -9.29 -0.62 33.19
CA GLU A 494 -8.17 -1.55 33.24
C GLU A 494 -8.56 -2.98 32.89
N ASN A 495 -9.85 -3.28 32.73
CA ASN A 495 -10.30 -4.61 32.38
C ASN A 495 -10.93 -4.67 30.99
N LEU A 496 -10.96 -3.56 30.25
CA LEU A 496 -11.51 -3.58 28.91
C LEU A 496 -10.50 -4.09 27.88
N SER A 497 -9.22 -4.09 28.21
CA SER A 497 -8.18 -4.57 27.31
C SER A 497 -7.10 -5.27 28.12
N GLN A 498 -6.42 -6.22 27.48
CA GLN A 498 -5.38 -7.02 28.14
C GLN A 498 -3.99 -6.45 27.97
N ILE A 499 -3.85 -5.25 27.42
CA ILE A 499 -2.55 -4.60 27.32
C ILE A 499 -2.09 -4.23 28.73
N GLN A 500 -0.97 -4.80 29.15
CA GLN A 500 -0.51 -4.65 30.53
C GLN A 500 0.44 -3.46 30.70
N ASN A 501 1.58 -3.50 30.01
CA ASN A 501 2.61 -2.48 30.14
C ASN A 501 2.55 -1.57 28.91
N ARG A 502 1.79 -0.49 29.02
CA ARG A 502 1.63 0.47 27.93
C ARG A 502 2.27 1.79 28.32
N GLU A 503 3.11 2.31 27.43
CA GLU A 503 3.75 3.60 27.62
C GLU A 503 3.22 4.60 26.61
N PHE A 504 3.21 5.87 27.00
CA PHE A 504 2.69 6.92 26.14
C PHE A 504 3.58 7.08 24.91
N GLY A 505 2.96 7.30 23.76
CA GLY A 505 3.69 7.56 22.54
C GLY A 505 4.19 6.33 21.82
N THR A 506 3.56 5.19 22.03
CA THR A 506 3.94 3.94 21.39
C THR A 506 2.78 3.39 20.58
N GLN A 507 3.06 2.35 19.80
CA GLN A 507 2.02 1.67 19.04
C GLN A 507 1.20 0.73 19.94
N LYS A 508 1.82 0.23 21.01
CA LYS A 508 1.08 -0.58 21.97
C LYS A 508 0.00 0.24 22.66
N TYR A 509 0.31 1.49 23.03
CA TYR A 509 -0.71 2.36 23.61
C TYR A 509 -1.80 2.69 22.59
N GLU A 510 -1.44 2.82 21.31
CA GLU A 510 -2.46 3.04 20.29
C GLU A 510 -3.39 1.84 20.18
N GLN A 511 -2.83 0.63 20.19
CA GLN A 511 -3.67 -0.57 20.18
C GLN A 511 -4.56 -0.62 21.41
N TRP A 512 -4.02 -0.28 22.58
CA TRP A 512 -4.81 -0.30 23.80
C TRP A 512 -5.96 0.70 23.74
N ILE A 513 -5.68 1.92 23.26
CA ILE A 513 -6.73 2.93 23.22
C ILE A 513 -7.77 2.61 22.16
N VAL A 514 -7.36 1.98 21.06
CA VAL A 514 -8.33 1.57 20.05
C VAL A 514 -9.24 0.47 20.62
N THR A 515 -8.65 -0.51 21.32
CA THR A 515 -9.45 -1.56 21.93
C THR A 515 -10.41 -0.99 22.98
N VAL A 516 -9.93 -0.04 23.79
CA VAL A 516 -10.79 0.55 24.81
C VAL A 516 -11.91 1.36 24.18
N GLN A 517 -11.62 2.08 23.09
CA GLN A 517 -12.65 2.86 22.41
C GLN A 517 -13.69 1.94 21.78
N LYS A 518 -13.26 0.81 21.21
CA LYS A 518 -14.21 -0.13 20.63
C LYS A 518 -15.04 -0.83 21.70
N ALA A 519 -14.45 -1.12 22.86
CA ALA A 519 -15.21 -1.76 23.93
C ALA A 519 -16.14 -0.78 24.63
N CYS A 520 -15.82 0.52 24.59
CA CYS A 520 -16.67 1.51 25.22
C CYS A 520 -17.91 1.84 24.39
N MET A 521 -17.87 1.56 23.09
CA MET A 521 -19.05 1.75 22.24
C MET A 521 -20.09 0.67 22.50
N VAL A 522 -19.63 -0.55 22.80
CA VAL A 522 -20.55 -1.67 23.10
C VAL A 522 -20.81 -1.62 24.60
N PHE A 523 -21.76 -0.78 24.98
CA PHE A 523 -22.11 -0.59 26.39
C PHE A 523 -23.63 -0.54 26.51
N GLN A 524 -24.16 -1.38 27.39
CA GLN A 524 -25.60 -1.51 27.57
C GLN A 524 -25.97 -1.27 29.03
N MET A 525 -27.08 -0.56 29.25
CA MET A 525 -27.62 -0.33 30.57
C MET A 525 -29.07 0.08 30.42
N PRO A 526 -29.93 -0.21 31.41
CA PRO A 526 -31.35 0.12 31.28
C PRO A 526 -31.65 1.59 31.50
N ASP A 527 -30.86 2.46 30.86
CA ASP A 527 -31.10 3.91 30.92
C ASP A 527 -30.45 4.49 29.67
N LYS A 528 -31.27 4.82 28.66
CA LYS A 528 -30.73 5.23 27.38
C LYS A 528 -30.05 6.59 27.45
N ASP A 529 -30.58 7.50 28.26
CA ASP A 529 -29.94 8.81 28.41
C ASP A 529 -28.57 8.68 29.09
N GLU A 530 -28.52 7.93 30.19
CA GLU A 530 -27.25 7.69 30.87
C GLU A 530 -26.27 6.93 29.97
N GLU A 531 -26.77 5.93 29.24
CA GLU A 531 -25.90 5.20 28.30
C GLU A 531 -25.32 6.13 27.25
N SER A 532 -26.16 6.98 26.66
CA SER A 532 -25.69 7.91 25.64
C SER A 532 -24.66 8.87 26.21
N ARG A 533 -24.92 9.42 27.40
CA ARG A 533 -23.98 10.35 28.01
C ARG A 533 -22.64 9.68 28.30
N ILE A 534 -22.67 8.50 28.93
CA ILE A 534 -21.44 7.78 29.26
C ILE A 534 -20.66 7.45 28.00
N CYS A 535 -21.35 6.95 26.97
CA CYS A 535 -20.67 6.54 25.76
C CYS A 535 -20.09 7.73 24.99
N LYS A 536 -20.81 8.86 24.96
CA LYS A 536 -20.28 10.03 24.30
C LYS A 536 -19.05 10.58 25.03
N ALA A 537 -19.11 10.62 26.36
CA ALA A 537 -17.97 11.11 27.13
C ALA A 537 -16.76 10.21 26.95
N LEU A 538 -16.97 8.89 26.99
CA LEU A 538 -15.85 7.96 26.77
C LEU A 538 -15.32 8.04 25.36
N PHE A 539 -16.20 8.28 24.37
CA PHE A 539 -15.74 8.49 23.00
C PHE A 539 -14.83 9.70 22.91
N LEU A 540 -15.24 10.81 23.52
CA LEU A 540 -14.40 12.02 23.51
C LEU A 540 -13.07 11.79 24.20
N TYR A 541 -13.10 11.12 25.37
CA TYR A 541 -11.86 10.87 26.10
C TYR A 541 -10.91 10.00 25.30
N THR A 542 -11.42 8.90 24.72
CA THR A 542 -10.57 8.01 23.94
C THR A 542 -10.04 8.69 22.68
N SER A 543 -10.86 9.53 22.04
CA SER A 543 -10.38 10.25 20.87
C SER A 543 -9.27 11.22 21.23
N HIS A 544 -9.41 11.93 22.35
CA HIS A 544 -8.36 12.85 22.77
C HIS A 544 -7.08 12.10 23.14
N LEU A 545 -7.21 10.95 23.81
CA LEU A 545 -6.04 10.16 24.14
C LEU A 545 -5.34 9.63 22.88
N ARG A 546 -6.13 9.19 21.89
CA ARG A 546 -5.55 8.71 20.64
C ARG A 546 -4.84 9.83 19.90
N LYS A 547 -5.42 11.03 19.91
CA LYS A 547 -4.76 12.17 19.25
C LYS A 547 -3.49 12.57 19.97
N TYR A 548 -3.48 12.51 21.30
CA TYR A 548 -2.26 12.80 22.06
C TYR A 548 -1.18 11.79 21.74
N ASN A 549 -1.54 10.51 21.66
CA ASN A 549 -0.56 9.48 21.31
C ASN A 549 -0.04 9.66 19.90
N ASP A 550 -0.92 10.05 18.96
CA ASP A 550 -0.49 10.32 17.60
C ASP A 550 0.48 11.48 17.56
N ALA A 551 0.22 12.53 18.34
CA ALA A 551 1.15 13.66 18.39
C ALA A 551 2.48 13.25 18.98
N LEU A 552 2.47 12.41 20.02
CA LEU A 552 3.72 11.94 20.59
C LEU A 552 4.51 11.10 19.61
N ILE A 553 3.83 10.31 18.77
CA ILE A 553 4.54 9.54 17.75
C ILE A 553 5.06 10.46 16.64
N ILE A 554 4.32 11.51 16.31
CA ILE A 554 4.77 12.43 15.28
C ILE A 554 5.99 13.22 15.74
N SER A 555 6.03 13.58 17.03
CA SER A 555 7.09 14.44 17.55
C SER A 555 8.44 13.75 17.65
N GLU A 556 8.50 12.43 17.56
CA GLU A 556 9.77 11.71 17.67
C GLU A 556 10.42 11.43 16.33
N HIS A 557 9.66 11.52 15.23
CA HIS A 557 10.23 11.40 13.89
C HIS A 557 10.33 12.73 13.17
N ALA A 558 9.75 13.80 13.72
CA ALA A 558 9.78 15.11 13.11
C ALA A 558 9.98 16.14 14.22
N ARG A 559 9.74 17.40 13.90
CA ARG A 559 9.89 18.47 14.87
C ARG A 559 8.71 18.47 15.85
N MET A 560 8.91 19.16 16.98
CA MET A 560 7.83 19.38 17.92
C MET A 560 6.78 20.33 17.36
N LYS A 561 7.18 21.23 16.46
CA LYS A 561 6.23 22.12 15.81
C LYS A 561 5.20 21.32 15.02
N ASP A 562 5.62 20.20 14.43
CA ASP A 562 4.71 19.39 13.62
C ASP A 562 3.64 18.74 14.49
N ALA A 563 4.04 18.15 15.62
CA ALA A 563 3.07 17.55 16.52
C ALA A 563 2.17 18.62 17.15
N LEU A 564 2.74 19.78 17.46
CA LEU A 564 1.92 20.87 18.00
C LEU A 564 0.90 21.35 16.99
N ASP A 565 1.27 21.44 15.71
CA ASP A 565 0.32 21.82 14.67
C ASP A 565 -0.75 20.75 14.50
N TYR A 566 -0.35 19.48 14.57
CA TYR A 566 -1.32 18.38 14.52
C TYR A 566 -2.36 18.52 15.63
N LEU A 567 -1.90 18.74 16.87
CA LEU A 567 -2.81 18.86 17.99
C LEU A 567 -3.69 20.11 17.88
N LYS A 568 -3.11 21.23 17.49
CA LYS A 568 -3.89 22.46 17.36
C LYS A 568 -4.95 22.34 16.27
N ASP A 569 -4.60 21.71 15.15
CA ASP A 569 -5.58 21.50 14.09
C ASP A 569 -6.68 20.56 14.55
N PHE A 570 -6.33 19.50 15.28
CA PHE A 570 -7.34 18.59 15.80
C PHE A 570 -8.30 19.32 16.74
N PHE A 571 -7.77 20.15 17.64
CA PHE A 571 -8.63 20.85 18.59
C PHE A 571 -9.49 21.90 17.88
N SER A 572 -8.95 22.56 16.86
CA SER A 572 -9.74 23.55 16.13
C SER A 572 -10.85 22.89 15.33
N ASN A 573 -10.56 21.75 14.70
CA ASN A 573 -11.59 21.04 13.95
C ASN A 573 -12.61 20.35 14.84
N VAL A 574 -12.23 19.99 16.07
CA VAL A 574 -13.19 19.42 17.01
C VAL A 574 -13.99 20.48 17.73
N ARG A 575 -13.52 21.73 17.74
CA ARG A 575 -14.33 22.83 18.26
C ARG A 575 -15.39 23.26 17.27
N ALA A 576 -15.10 23.12 15.96
CA ALA A 576 -15.98 23.65 14.94
C ALA A 576 -17.32 22.92 14.86
N ALA A 577 -17.34 21.61 15.13
CA ALA A 577 -18.57 20.84 15.03
C ALA A 577 -19.55 21.25 16.12
N GLY A 578 -19.18 21.04 17.38
CA GLY A 578 -19.96 21.50 18.50
C GLY A 578 -19.25 21.23 19.81
N PHE A 579 -19.16 22.23 20.68
CA PHE A 579 -18.43 22.05 21.93
C PHE A 579 -19.35 21.62 23.05
N ASP A 580 -18.86 20.70 23.88
CA ASP A 580 -19.62 20.14 24.98
C ASP A 580 -18.86 20.40 26.28
N GLU A 581 -19.56 20.23 27.40
CA GLU A 581 -18.95 20.43 28.71
C GLU A 581 -17.66 19.62 28.84
N ILE A 582 -17.72 18.33 28.51
CA ILE A 582 -16.53 17.49 28.53
C ILE A 582 -15.51 18.00 27.51
N GLU A 583 -15.98 18.33 26.31
CA GLU A 583 -15.07 18.75 25.24
C GLU A 583 -14.46 20.10 25.56
N GLN A 584 -15.24 21.03 26.10
CA GLN A 584 -14.68 22.32 26.47
C GLN A 584 -13.73 22.21 27.66
N ASP A 585 -14.00 21.28 28.58
CA ASP A 585 -13.07 21.03 29.67
C ASP A 585 -11.74 20.53 29.14
N LEU A 586 -11.78 19.58 28.20
CA LEU A 586 -10.54 19.08 27.60
C LEU A 586 -9.83 20.18 26.82
N THR A 587 -10.58 21.02 26.11
CA THR A 587 -9.97 22.12 25.37
C THR A 587 -9.29 23.12 26.29
N GLN A 588 -9.92 23.44 27.42
CA GLN A 588 -9.29 24.34 28.38
C GLN A 588 -8.06 23.69 29.01
N ARG A 589 -8.13 22.38 29.28
CA ARG A 589 -6.96 21.68 29.82
C ARG A 589 -5.79 21.73 28.86
N PHE A 590 -6.07 21.62 27.55
CA PHE A 590 -5.01 21.70 26.56
C PHE A 590 -4.48 23.11 26.43
N GLU A 591 -5.39 24.11 26.41
CA GLU A 591 -4.97 25.50 26.25
C GLU A 591 -4.24 26.04 27.46
N GLU A 592 -4.41 25.42 28.63
CA GLU A 592 -3.63 25.84 29.80
C GLU A 592 -2.15 25.57 29.61
N LYS A 593 -1.80 24.53 28.84
CA LYS A 593 -0.42 24.17 28.58
C LYS A 593 0.04 24.55 27.19
N LEU A 594 -0.81 25.19 26.39
CA LEU A 594 -0.48 25.45 24.99
C LEU A 594 0.68 26.45 24.86
N GLN A 595 0.76 27.43 25.75
CA GLN A 595 1.79 28.46 25.61
C GLN A 595 3.18 27.91 25.91
N GLU A 596 3.33 27.14 26.99
CA GLU A 596 4.63 26.53 27.25
C GLU A 596 4.97 25.48 26.21
N LEU A 597 3.96 24.82 25.63
CA LEU A 597 4.23 23.92 24.52
C LEU A 597 4.77 24.67 23.31
N GLU A 598 4.20 25.83 23.00
CA GLU A 598 4.73 26.67 21.93
C GLU A 598 6.15 27.15 22.25
N SER A 599 6.41 27.45 23.52
CA SER A 599 7.74 27.93 23.90
C SER A 599 8.78 26.82 23.79
N VAL A 600 8.42 25.59 24.16
CA VAL A 600 9.38 24.49 24.11
C VAL A 600 9.52 23.96 22.69
N SER A 601 8.51 24.18 21.84
CA SER A 601 8.60 23.71 20.45
C SER A 601 9.45 24.64 19.59
N ARG A 602 9.40 25.94 19.84
CA ARG A 602 10.21 26.91 19.10
C ARG A 602 11.55 27.15 19.79
N ASP A 603 12.28 26.07 20.07
CA ASP A 603 13.56 26.15 20.77
C ASP A 603 14.63 25.47 19.93
N PRO A 604 15.75 26.14 19.64
CA PRO A 604 16.81 25.48 18.86
C PRO A 604 17.44 24.31 19.58
N SER A 605 17.40 24.28 20.91
CA SER A 605 18.00 23.18 21.65
C SER A 605 17.14 21.92 21.61
N ASN A 606 15.83 22.08 21.51
CA ASN A 606 14.90 20.94 21.46
C ASN A 606 14.61 20.51 20.03
N GLU A 607 15.67 20.21 19.28
CA GLU A 607 15.54 19.79 17.89
C GLU A 607 15.89 18.31 17.76
N ASN A 608 15.20 17.65 16.84
CA ASN A 608 15.34 16.20 16.65
C ASN A 608 16.75 15.85 16.20
N PRO A 609 17.48 15.01 16.92
CA PRO A 609 18.83 14.62 16.47
C PRO A 609 18.83 13.89 15.15
N LYS A 610 17.75 13.15 14.84
CA LYS A 610 17.63 12.53 13.52
C LYS A 610 17.64 13.59 12.42
N LEU A 611 16.95 14.70 12.66
CA LEU A 611 16.95 15.79 11.68
C LEU A 611 18.32 16.47 11.60
N GLU A 612 19.05 16.53 12.72
CA GLU A 612 20.40 17.07 12.67
C GLU A 612 21.31 16.19 11.83
N ASP A 613 21.22 14.88 12.00
CA ASP A 613 22.05 13.98 11.18
C ASP A 613 21.64 14.02 9.72
N LEU A 614 20.32 14.16 9.45
CA LEU A 614 19.88 14.29 8.07
C LEU A 614 20.43 15.57 7.44
N CYS A 615 20.38 16.68 8.19
CA CYS A 615 20.95 17.93 7.69
C CYS A 615 22.44 17.79 7.43
N PHE A 616 23.16 17.13 8.33
CA PHE A 616 24.60 16.95 8.16
C PHE A 616 24.90 16.12 6.91
N ILE A 617 24.16 15.02 6.72
CA ILE A 617 24.36 14.16 5.56
C ILE A 617 24.10 14.95 4.28
N LEU A 618 22.98 15.67 4.23
CA LEU A 618 22.64 16.43 3.04
C LEU A 618 23.68 17.50 2.75
N GLN A 619 24.15 18.21 3.79
CA GLN A 619 25.14 19.25 3.61
C GLN A 619 26.45 18.67 3.06
N GLU A 620 26.92 17.57 3.64
CA GLU A 620 28.16 16.95 3.18
C GLU A 620 28.02 16.48 1.73
N GLU A 621 26.90 15.83 1.40
CA GLU A 621 26.73 15.28 0.07
C GLU A 621 26.63 16.39 -0.98
N TYR A 622 25.89 17.46 -0.68
CA TYR A 622 25.74 18.55 -1.63
C TYR A 622 26.92 19.51 -1.62
N HIS A 623 27.84 19.39 -0.65
CA HIS A 623 29.09 20.10 -0.75
C HIS A 623 30.11 19.32 -1.56
N LEU A 624 30.05 17.99 -1.50
CA LEU A 624 30.90 17.17 -2.36
C LEU A 624 30.50 17.33 -3.82
N ASN A 625 29.25 17.05 -4.14
CA ASN A 625 28.71 17.20 -5.50
C ASN A 625 27.44 18.04 -5.42
N PRO A 626 27.52 19.32 -5.85
CA PRO A 626 26.35 20.21 -5.72
C PRO A 626 25.20 19.85 -6.63
N GLU A 627 25.40 18.99 -7.63
CA GLU A 627 24.33 18.57 -8.54
C GLU A 627 23.72 17.23 -8.13
N THR A 628 23.83 16.87 -6.86
CA THR A 628 23.24 15.63 -6.36
C THR A 628 21.71 15.73 -6.36
N ILE A 629 21.07 14.59 -6.57
CA ILE A 629 19.62 14.48 -6.44
C ILE A 629 19.32 13.34 -5.48
N THR A 630 18.38 13.57 -4.56
CA THR A 630 18.09 12.65 -3.47
C THR A 630 16.68 12.08 -3.62
N ILE A 631 16.52 10.85 -3.15
CA ILE A 631 15.25 10.12 -3.27
C ILE A 631 14.80 9.71 -1.87
N LEU A 632 15.09 10.57 -0.89
CA LEU A 632 14.78 10.34 0.52
C LEU A 632 13.45 9.65 0.72
N PHE A 633 13.48 8.49 1.39
CA PHE A 633 12.31 7.63 1.56
C PHE A 633 11.72 7.83 2.95
N VAL A 634 10.40 7.96 3.01
CA VAL A 634 9.68 8.20 4.25
C VAL A 634 8.58 7.17 4.38
N LYS A 635 8.12 6.95 5.61
CA LYS A 635 7.14 5.91 5.89
C LYS A 635 5.70 6.39 5.77
N THR A 636 5.37 7.56 6.30
CA THR A 636 4.01 8.07 6.29
C THR A 636 3.94 9.36 5.49
N ARG A 637 2.70 9.76 5.15
CA ARG A 637 2.48 10.98 4.37
C ARG A 637 2.64 12.23 5.22
N ALA A 638 2.14 12.18 6.46
CA ALA A 638 2.32 13.31 7.36
C ALA A 638 3.80 13.61 7.58
N LEU A 639 4.63 12.56 7.68
CA LEU A 639 6.06 12.77 7.82
C LEU A 639 6.68 13.28 6.53
N VAL A 640 6.11 12.94 5.38
CA VAL A 640 6.58 13.49 4.11
C VAL A 640 6.35 15.01 4.10
N ASP A 641 5.15 15.43 4.46
CA ASP A 641 4.85 16.87 4.52
C ASP A 641 5.72 17.56 5.56
N ALA A 642 5.96 16.89 6.70
CA ALA A 642 6.80 17.47 7.74
C ALA A 642 8.22 17.67 7.25
N LEU A 643 8.79 16.67 6.58
CA LEU A 643 10.15 16.79 6.06
C LEU A 643 10.24 17.84 4.97
N LYS A 644 9.20 17.98 4.13
CA LYS A 644 9.21 19.03 3.13
C LYS A 644 9.21 20.41 3.79
N ASN A 645 8.31 20.62 4.76
CA ASN A 645 8.24 21.91 5.43
C ASN A 645 9.51 22.20 6.23
N TRP A 646 10.19 21.16 6.71
CA TRP A 646 11.44 21.36 7.44
C TRP A 646 12.59 21.68 6.50
N ILE A 647 12.63 21.05 5.33
CA ILE A 647 13.65 21.36 4.34
C ILE A 647 13.48 22.77 3.80
N GLU A 648 12.23 23.20 3.60
CA GLU A 648 11.99 24.54 3.06
C GLU A 648 12.36 25.62 4.07
N GLY A 649 12.16 25.37 5.35
CA GLY A 649 12.43 26.37 6.37
C GLY A 649 13.75 26.19 7.08
N ASN A 650 14.70 25.51 6.44
CA ASN A 650 16.01 25.28 7.03
C ASN A 650 17.02 26.22 6.39
N PRO A 651 17.64 27.12 7.15
CA PRO A 651 18.63 28.03 6.55
C PRO A 651 19.87 27.32 6.03
N LYS A 652 20.16 26.11 6.52
CA LYS A 652 21.34 25.38 6.06
C LYS A 652 21.03 24.59 4.79
N LEU A 653 19.81 24.12 4.63
CA LEU A 653 19.40 23.38 3.43
C LEU A 653 18.73 24.33 2.44
N SER A 654 19.47 25.36 2.04
CA SER A 654 18.96 26.34 1.08
C SER A 654 19.17 25.89 -0.36
N PHE A 655 20.04 24.91 -0.60
CA PHE A 655 20.30 24.40 -1.93
C PHE A 655 19.29 23.35 -2.38
N LEU A 656 18.37 22.96 -1.50
CA LEU A 656 17.42 21.88 -1.78
C LEU A 656 16.11 22.45 -2.32
N LYS A 657 15.52 21.73 -3.27
CA LYS A 657 14.21 22.05 -3.83
C LYS A 657 13.34 20.80 -3.65
N PRO A 658 12.66 20.66 -2.52
CA PRO A 658 12.01 19.38 -2.20
C PRO A 658 10.79 19.11 -3.07
N GLY A 659 10.60 17.85 -3.40
CA GLY A 659 9.43 17.42 -4.12
C GLY A 659 8.73 16.29 -3.39
N ILE A 660 7.41 16.26 -3.52
CA ILE A 660 6.56 15.32 -2.78
C ILE A 660 6.06 14.25 -3.74
N LEU A 661 6.02 13.01 -3.28
CA LEU A 661 5.47 11.91 -4.08
C LEU A 661 4.80 10.94 -3.12
N THR A 662 3.49 11.08 -2.95
CA THR A 662 2.70 10.15 -2.18
C THR A 662 1.84 9.30 -3.12
N GLY A 663 1.18 8.29 -2.56
CA GLY A 663 0.35 7.42 -3.35
C GLY A 663 -1.08 7.92 -3.48
N ARG A 664 -1.78 7.35 -4.45
CA ARG A 664 -3.18 7.70 -4.67
C ARG A 664 -4.06 7.06 -3.60
N GLY A 665 -5.34 7.42 -3.61
CA GLY A 665 -6.26 6.90 -2.63
C GLY A 665 -6.37 7.79 -1.41
N LYS A 666 -7.57 8.30 -1.15
CA LYS A 666 -7.79 9.19 -0.02
C LYS A 666 -7.69 8.42 1.29
N THR A 667 -7.33 9.15 2.34
CA THR A 667 -7.27 8.62 3.69
C THR A 667 -8.12 9.50 4.61
N ASN A 668 -8.09 9.20 5.91
CA ASN A 668 -8.87 9.98 6.86
C ASN A 668 -8.26 11.35 7.12
N GLN A 669 -6.97 11.54 6.82
CA GLN A 669 -6.30 12.81 7.05
C GLN A 669 -5.75 13.42 5.77
N ASN A 670 -5.20 12.62 4.86
CA ASN A 670 -4.60 13.11 3.64
C ASN A 670 -5.53 12.89 2.45
N THR A 671 -5.29 13.65 1.38
CA THR A 671 -6.10 13.58 0.18
C THR A 671 -5.56 12.60 -0.84
N GLY A 672 -4.25 12.58 -1.05
CA GLY A 672 -3.63 11.72 -2.02
C GLY A 672 -3.28 12.45 -3.31
N MET A 673 -2.35 11.87 -4.05
CA MET A 673 -1.88 12.43 -5.31
C MET A 673 -2.44 11.62 -6.47
N THR A 674 -3.02 12.31 -7.44
CA THR A 674 -3.56 11.63 -8.62
C THR A 674 -2.43 11.21 -9.55
N LEU A 675 -2.79 10.58 -10.65
CA LEU A 675 -1.81 10.09 -11.61
C LEU A 675 -1.15 11.22 -12.38
N PRO A 676 -1.89 12.20 -12.91
CA PRO A 676 -1.21 13.32 -13.59
C PRO A 676 -0.35 14.15 -12.65
N ALA A 677 -0.73 14.28 -11.38
CA ALA A 677 0.11 15.00 -10.43
C ALA A 677 1.43 14.25 -10.20
N GLN A 678 1.35 12.94 -10.01
CA GLN A 678 2.56 12.14 -9.86
C GLN A 678 3.43 12.23 -11.10
N LYS A 679 2.82 12.21 -12.28
CA LYS A 679 3.58 12.28 -13.52
C LYS A 679 4.25 13.65 -13.67
N CYS A 680 3.55 14.73 -13.29
CA CYS A 680 4.13 16.06 -13.40
C CYS A 680 5.27 16.25 -12.41
N ILE A 681 5.15 15.67 -11.22
CA ILE A 681 6.23 15.81 -10.23
C ILE A 681 7.41 14.92 -10.61
N LEU A 682 7.16 13.76 -11.20
CA LEU A 682 8.25 12.85 -11.55
C LEU A 682 9.07 13.33 -12.74
N ASP A 683 8.50 14.17 -13.60
CA ASP A 683 9.27 14.72 -14.73
C ASP A 683 10.05 15.97 -14.35
N ALA A 684 9.61 16.70 -13.32
CA ALA A 684 10.36 17.84 -12.84
C ALA A 684 11.55 17.44 -11.98
N PHE A 685 11.58 16.20 -11.49
CA PHE A 685 12.67 15.71 -10.65
C PHE A 685 13.67 15.00 -11.55
N LYS A 686 14.70 15.73 -11.96
CA LYS A 686 15.74 15.17 -12.81
C LYS A 686 17.02 15.97 -12.58
N ALA A 687 18.09 15.56 -13.28
CA ALA A 687 19.39 16.19 -13.06
C ALA A 687 19.46 17.58 -13.66
N SER A 688 18.52 17.94 -14.54
CA SER A 688 18.54 19.27 -15.14
C SER A 688 18.19 20.33 -14.12
N GLY A 689 17.06 20.19 -13.45
CA GLY A 689 16.66 21.14 -12.43
C GLY A 689 15.17 21.05 -12.16
N ASP A 690 14.66 22.10 -11.50
CA ASP A 690 13.29 22.32 -11.08
C ASP A 690 12.93 21.45 -9.87
N HIS A 691 13.78 20.51 -9.47
CA HIS A 691 13.56 19.69 -8.28
C HIS A 691 14.88 19.03 -7.93
N ASN A 692 15.30 19.16 -6.66
CA ASN A 692 16.57 18.64 -6.21
C ASN A 692 16.46 17.35 -5.43
N ILE A 693 15.43 17.22 -4.59
CA ILE A 693 15.26 16.06 -3.73
C ILE A 693 13.79 15.66 -3.73
N LEU A 694 13.55 14.36 -3.87
CA LEU A 694 12.19 13.81 -3.86
C LEU A 694 11.93 13.15 -2.51
N ILE A 695 10.82 13.52 -1.89
CA ILE A 695 10.42 13.00 -0.59
C ILE A 695 9.21 12.09 -0.84
N ALA A 696 9.47 10.80 -1.01
CA ALA A 696 8.44 9.83 -1.38
C ALA A 696 8.13 8.90 -0.22
N THR A 697 7.06 8.13 -0.37
CA THR A 697 6.61 7.18 0.65
C THR A 697 6.19 5.87 -0.03
N SER A 698 7.17 4.98 -0.21
CA SER A 698 6.94 3.59 -0.63
C SER A 698 6.28 3.48 -2.00
N VAL A 699 6.04 4.60 -2.67
CA VAL A 699 5.48 4.57 -4.01
C VAL A 699 6.57 4.69 -5.07
N ALA A 700 7.76 5.18 -4.70
CA ALA A 700 8.85 5.43 -5.62
C ALA A 700 9.91 4.33 -5.60
N ASP A 701 9.50 3.07 -5.41
CA ASP A 701 10.49 2.00 -5.31
C ASP A 701 10.13 0.73 -6.07
N GLU A 702 8.96 0.63 -6.70
CA GLU A 702 8.52 -0.63 -7.25
C GLU A 702 8.52 -0.67 -8.77
N GLY A 703 7.74 0.19 -9.43
CA GLY A 703 7.63 0.08 -10.87
C GLY A 703 7.73 1.36 -11.67
N ILE A 704 7.67 2.51 -11.01
CA ILE A 704 7.66 3.78 -11.74
C ILE A 704 9.08 4.15 -12.15
N ASP A 705 9.18 5.00 -13.16
CA ASP A 705 10.46 5.43 -13.70
C ASP A 705 10.87 6.74 -13.06
N ILE A 706 12.04 6.73 -12.40
CA ILE A 706 12.58 7.92 -11.76
C ILE A 706 14.02 8.11 -12.24
N ALA A 707 14.50 9.33 -12.16
CA ALA A 707 15.87 9.64 -12.53
C ALA A 707 16.85 8.91 -11.60
N GLN A 708 18.05 8.67 -12.11
CA GLN A 708 19.09 8.02 -11.34
C GLN A 708 19.63 8.98 -10.29
N CYS A 709 19.47 8.63 -9.02
CA CYS A 709 19.86 9.49 -7.91
C CYS A 709 21.24 9.10 -7.38
N ASN A 710 21.88 10.05 -6.72
CA ASN A 710 23.17 9.83 -6.08
C ASN A 710 23.06 9.70 -4.57
N LEU A 711 21.85 9.83 -4.01
CA LEU A 711 21.65 9.78 -2.58
C LEU A 711 20.31 9.12 -2.30
N VAL A 712 20.32 8.03 -1.53
CA VAL A 712 19.15 7.18 -1.35
C VAL A 712 18.79 7.09 0.13
N ILE A 713 18.95 8.20 0.85
CA ILE A 713 18.67 8.26 2.29
C ILE A 713 17.35 7.60 2.63
N LEU A 714 17.37 6.68 3.59
CA LEU A 714 16.19 5.99 4.08
C LEU A 714 15.91 6.49 5.50
N TYR A 715 14.85 7.29 5.64
CA TYR A 715 14.51 7.91 6.92
C TYR A 715 13.68 6.92 7.74
N GLU A 716 14.35 6.00 8.45
CA GLU A 716 13.67 4.98 9.27
C GLU A 716 12.74 4.13 8.40
N TYR A 717 13.26 3.64 7.28
CA TYR A 717 12.43 2.99 6.27
C TYR A 717 13.06 1.64 5.94
N VAL A 718 12.56 0.58 6.57
CA VAL A 718 13.05 -0.77 6.36
C VAL A 718 11.85 -1.71 6.22
N GLY A 719 11.91 -2.58 5.21
CA GLY A 719 10.88 -3.57 5.00
C GLY A 719 11.45 -4.97 4.85
N ASN A 720 11.11 -5.65 3.77
CA ASN A 720 11.65 -6.97 3.47
C ASN A 720 12.86 -6.84 2.54
N VAL A 721 13.37 -7.98 2.10
CA VAL A 721 14.54 -7.98 1.24
C VAL A 721 14.20 -7.40 -0.13
N ILE A 722 12.96 -7.61 -0.60
CA ILE A 722 12.55 -7.03 -1.87
C ILE A 722 12.57 -5.51 -1.79
N LYS A 723 12.02 -4.95 -0.71
CA LYS A 723 12.04 -3.50 -0.53
C LYS A 723 13.46 -2.98 -0.42
N MET A 724 14.36 -3.74 0.22
CA MET A 724 15.75 -3.30 0.32
C MET A 724 16.41 -3.25 -1.04
N ILE A 725 16.30 -4.32 -1.82
CA ILE A 725 16.89 -4.35 -3.16
C ILE A 725 16.25 -3.32 -4.07
N GLN A 726 14.98 -2.97 -3.83
CA GLN A 726 14.30 -2.01 -4.69
C GLN A 726 14.71 -0.58 -4.35
N THR A 727 14.77 -0.24 -3.07
CA THR A 727 15.18 1.12 -2.69
C THR A 727 16.66 1.34 -2.96
N ARG A 728 17.50 0.36 -2.65
CA ARG A 728 18.93 0.48 -2.95
C ARG A 728 19.15 0.60 -4.46
N GLY A 729 18.32 -0.05 -5.25
CA GLY A 729 18.40 0.03 -6.70
C GLY A 729 17.86 1.29 -7.31
N ARG A 730 17.39 2.24 -6.50
CA ARG A 730 16.93 3.51 -7.03
C ARG A 730 18.10 4.42 -7.41
N GLY A 731 19.15 4.41 -6.60
CA GLY A 731 20.35 5.15 -6.93
C GLY A 731 21.37 4.28 -7.64
N ARG A 732 21.41 4.36 -8.97
CA ARG A 732 22.32 3.55 -9.77
C ARG A 732 23.39 4.38 -10.46
N ALA A 733 23.50 5.67 -10.13
CA ALA A 733 24.57 6.48 -10.67
C ALA A 733 25.91 6.07 -10.06
N ARG A 734 26.98 6.38 -10.78
CA ARG A 734 28.32 6.01 -10.32
C ARG A 734 28.67 6.76 -9.05
N GLY A 735 29.22 6.04 -8.08
CA GLY A 735 29.62 6.64 -6.82
C GLY A 735 28.46 7.17 -6.00
N SER A 736 27.40 6.36 -5.86
CA SER A 736 26.23 6.73 -5.10
C SER A 736 26.23 6.05 -3.74
N LYS A 737 25.54 6.67 -2.78
CA LYS A 737 25.44 6.17 -1.42
C LYS A 737 23.98 5.89 -1.09
N CYS A 738 23.78 5.10 -0.04
CA CYS A 738 22.44 4.78 0.47
C CYS A 738 22.51 4.81 1.98
N PHE A 739 21.93 5.84 2.59
CA PHE A 739 21.97 6.01 4.03
C PHE A 739 20.68 5.52 4.68
N LEU A 740 20.82 4.79 5.77
CA LEU A 740 19.71 4.34 6.59
C LEU A 740 19.81 5.06 7.93
N LEU A 741 19.02 6.12 8.10
CA LEU A 741 19.02 6.90 9.32
C LEU A 741 17.94 6.37 10.26
N THR A 742 18.32 6.01 11.48
CA THR A 742 17.36 5.51 12.44
C THR A 742 17.83 5.83 13.84
N SER A 743 16.88 5.82 14.77
CA SER A 743 17.14 6.02 16.19
C SER A 743 16.70 4.83 17.03
N ASN A 744 16.62 3.65 16.43
CA ASN A 744 16.12 2.44 17.08
C ASN A 744 17.08 1.29 16.81
N ALA A 745 17.77 0.83 17.85
CA ALA A 745 18.61 -0.35 17.75
C ALA A 745 17.73 -1.57 17.53
N GLY A 746 17.75 -2.12 16.31
CA GLY A 746 16.86 -3.19 15.95
C GLY A 746 16.38 -3.02 14.52
N VAL A 747 16.44 -1.78 14.03
CA VAL A 747 16.21 -1.50 12.62
C VAL A 747 17.47 -1.73 11.81
N ILE A 748 18.62 -1.34 12.35
CA ILE A 748 19.91 -1.67 11.72
C ILE A 748 20.07 -3.18 11.65
N GLU A 749 19.66 -3.88 12.70
CA GLU A 749 19.70 -5.34 12.68
C GLU A 749 18.75 -5.91 11.63
N LYS A 750 17.59 -5.29 11.45
CA LYS A 750 16.67 -5.73 10.40
C LYS A 750 17.30 -5.56 9.02
N GLU A 751 17.97 -4.44 8.78
CA GLU A 751 18.61 -4.25 7.48
C GLU A 751 19.78 -5.19 7.28
N GLN A 752 20.53 -5.50 8.34
CA GLN A 752 21.62 -6.48 8.21
C GLN A 752 21.06 -7.87 7.93
N ILE A 753 19.93 -8.22 8.55
CA ILE A 753 19.27 -9.48 8.25
C ILE A 753 18.80 -9.49 6.80
N ASN A 754 18.36 -8.34 6.29
CA ASN A 754 17.96 -8.26 4.90
C ASN A 754 19.15 -8.46 3.96
N MET A 755 20.31 -7.92 4.32
CA MET A 755 21.51 -8.14 3.53
C MET A 755 21.91 -9.62 3.53
N TYR A 756 21.85 -10.25 4.70
CA TYR A 756 22.14 -11.68 4.78
C TYR A 756 21.14 -12.49 3.97
N LYS A 757 19.87 -12.06 3.95
CA LYS A 757 18.87 -12.75 3.15
C LYS A 757 19.10 -12.56 1.67
N GLU A 758 19.59 -11.39 1.24
CA GLU A 758 19.95 -11.22 -0.16
C GLU A 758 21.12 -12.11 -0.55
N LYS A 759 22.10 -12.26 0.34
CA LYS A 759 23.20 -13.19 0.10
C LYS A 759 22.68 -14.62 -0.04
N MET A 760 21.78 -15.02 0.87
CA MET A 760 21.17 -16.34 0.78
C MET A 760 20.41 -16.51 -0.53
N MET A 761 19.72 -15.45 -0.97
CA MET A 761 18.96 -15.50 -2.21
C MET A 761 19.87 -15.74 -3.40
N ASN A 762 20.97 -14.99 -3.48
CA ASN A 762 21.91 -15.19 -4.59
C ASN A 762 22.52 -16.58 -4.55
N ASP A 763 22.89 -17.06 -3.35
CA ASP A 763 23.47 -18.39 -3.26
C ASP A 763 22.47 -19.47 -3.65
N SER A 764 21.21 -19.30 -3.27
CA SER A 764 20.18 -20.29 -3.60
C SER A 764 19.87 -20.29 -5.10
N ILE A 765 19.86 -19.11 -5.71
CA ILE A 765 19.65 -19.04 -7.16
C ILE A 765 20.81 -19.71 -7.88
N LEU A 766 22.05 -19.46 -7.44
CA LEU A 766 23.19 -20.09 -8.07
C LEU A 766 23.18 -21.61 -7.88
N ARG A 767 22.72 -22.07 -6.71
CA ARG A 767 22.64 -23.51 -6.46
C ARG A 767 21.55 -24.15 -7.31
N LEU A 768 20.43 -23.45 -7.50
CA LEU A 768 19.35 -23.97 -8.33
C LEU A 768 19.72 -24.00 -9.80
N GLN A 769 20.53 -23.04 -10.26
CA GLN A 769 20.92 -23.00 -11.66
C GLN A 769 21.83 -24.16 -12.06
N THR A 770 22.34 -24.93 -11.10
CA THR A 770 23.22 -26.07 -11.40
C THR A 770 22.47 -27.39 -11.50
N TRP A 771 21.20 -27.43 -11.09
CA TRP A 771 20.43 -28.67 -11.19
C TRP A 771 20.13 -29.01 -12.64
N ASP A 772 19.93 -30.31 -12.89
CA ASP A 772 19.45 -30.73 -14.19
C ASP A 772 18.03 -30.24 -14.41
N GLU A 773 17.71 -29.89 -15.66
CA GLU A 773 16.40 -29.31 -15.95
C GLU A 773 15.28 -30.31 -15.69
N ALA A 774 15.53 -31.61 -15.90
CA ALA A 774 14.50 -32.60 -15.67
C ALA A 774 14.20 -32.76 -14.18
N VAL A 775 15.24 -32.75 -13.34
CA VAL A 775 15.03 -32.85 -11.90
C VAL A 775 14.27 -31.64 -11.37
N PHE A 776 14.65 -30.44 -11.83
CA PHE A 776 13.94 -29.24 -11.40
C PHE A 776 12.50 -29.24 -11.91
N ARG A 777 12.28 -29.76 -13.12
CA ARG A 777 10.93 -29.85 -13.64
C ARG A 777 10.08 -30.80 -12.81
N GLU A 778 10.64 -31.95 -12.43
CA GLU A 778 9.91 -32.88 -11.57
C GLU A 778 9.63 -32.26 -10.20
N LYS A 779 10.59 -31.52 -9.65
CA LYS A 779 10.38 -30.87 -8.36
C LYS A 779 9.25 -29.85 -8.43
N ILE A 780 9.27 -28.98 -9.45
CA ILE A 780 8.22 -27.98 -9.55
C ILE A 780 6.89 -28.62 -9.90
N LEU A 781 6.89 -29.76 -10.60
CA LEU A 781 5.64 -30.46 -10.86
C LEU A 781 5.04 -31.02 -9.58
N HIS A 782 5.87 -31.61 -8.72
CA HIS A 782 5.37 -32.09 -7.43
C HIS A 782 4.85 -30.94 -6.58
N ILE A 783 5.57 -29.81 -6.58
CA ILE A 783 5.11 -28.65 -5.82
C ILE A 783 3.78 -28.15 -6.36
N GLN A 784 3.64 -28.09 -7.69
CA GLN A 784 2.39 -27.63 -8.29
C GLN A 784 1.23 -28.57 -7.94
N THR A 785 1.47 -29.88 -7.98
CA THR A 785 0.43 -30.82 -7.62
C THR A 785 0.01 -30.66 -6.17
N HIS A 786 0.98 -30.51 -5.27
CA HIS A 786 0.66 -30.33 -3.85
C HIS A 786 -0.15 -29.05 -3.62
N GLU A 787 0.29 -27.94 -4.22
CA GLU A 787 -0.42 -26.68 -4.02
C GLU A 787 -1.79 -26.70 -4.66
N LYS A 788 -1.96 -27.37 -5.81
CA LYS A 788 -3.27 -27.49 -6.41
C LYS A 788 -4.21 -28.33 -5.55
N PHE A 789 -3.68 -29.40 -4.95
CA PHE A 789 -4.51 -30.20 -4.04
C PHE A 789 -4.92 -29.39 -2.82
N ILE A 790 -4.00 -28.58 -2.28
CA ILE A 790 -4.34 -27.73 -1.14
C ILE A 790 -5.34 -26.65 -1.54
N ARG A 791 -5.24 -26.15 -2.77
CA ARG A 791 -6.10 -25.04 -3.21
C ARG A 791 -7.51 -25.52 -3.52
N ASP A 792 -7.66 -26.71 -4.10
CA ASP A 792 -8.97 -27.23 -4.44
C ASP A 792 -9.75 -27.75 -3.23
N SER A 793 -9.26 -27.50 -2.02
CA SER A 793 -9.96 -27.92 -0.80
C SER A 793 -10.38 -26.73 0.06
N GLN A 794 -10.46 -25.53 -0.51
CA GLN A 794 -10.80 -24.32 0.24
C GLN A 794 -12.06 -23.66 -0.29
N GLU A 795 -12.91 -24.39 -0.99
CA GLU A 795 -14.06 -23.80 -1.69
C GLU A 795 -15.30 -23.75 -0.82
N LYS A 796 -15.20 -23.17 0.38
CA LYS A 796 -16.38 -22.90 1.19
C LYS A 796 -16.30 -21.53 1.87
N PRO A 797 -15.96 -20.45 1.15
CA PRO A 797 -15.86 -19.14 1.82
C PRO A 797 -17.15 -18.33 1.77
N LYS A 798 -18.26 -18.91 2.23
CA LYS A 798 -19.55 -18.23 2.12
C LYS A 798 -20.45 -18.58 3.30
N PRO A 799 -20.85 -17.60 4.12
CA PRO A 799 -21.82 -17.86 5.18
C PRO A 799 -23.26 -17.70 4.69
N VAL A 800 -24.22 -17.85 5.59
CA VAL A 800 -25.63 -17.69 5.29
C VAL A 800 -26.06 -16.31 5.75
N PRO A 801 -26.73 -15.52 4.90
CA PRO A 801 -27.13 -14.17 5.32
C PRO A 801 -28.27 -14.20 6.33
N ASP A 802 -28.24 -13.25 7.25
CA ASP A 802 -29.28 -13.12 8.26
C ASP A 802 -30.44 -12.28 7.74
N LYS A 803 -31.61 -12.47 8.35
CA LYS A 803 -32.77 -11.67 8.02
C LYS A 803 -33.44 -11.06 9.26
N GLU A 804 -32.88 -11.24 10.44
CA GLU A 804 -33.43 -10.60 11.63
C GLU A 804 -33.27 -9.10 11.55
N ASN A 805 -34.24 -8.37 12.11
CA ASN A 805 -34.19 -6.92 12.11
C ASN A 805 -33.19 -6.41 13.13
N LYS A 806 -32.39 -5.43 12.73
CA LYS A 806 -31.38 -4.84 13.58
C LYS A 806 -31.41 -3.33 13.44
N LYS A 807 -31.12 -2.63 14.52
CA LYS A 807 -31.13 -1.17 14.53
C LYS A 807 -29.70 -0.63 14.48
N LEU A 808 -29.49 0.33 13.58
CA LEU A 808 -28.24 1.05 13.49
C LEU A 808 -28.35 2.30 14.35
N LEU A 809 -27.51 2.36 15.38
CA LEU A 809 -27.41 3.50 16.29
C LEU A 809 -26.13 4.27 15.96
N CYS A 810 -26.09 5.53 16.38
CA CYS A 810 -24.86 6.31 16.21
C CYS A 810 -23.73 5.67 16.99
N ARG A 811 -22.51 5.87 16.52
CA ARG A 811 -21.35 5.29 17.20
C ARG A 811 -20.82 6.18 18.31
N LYS A 812 -21.03 7.49 18.22
CA LYS A 812 -20.54 8.42 19.23
C LYS A 812 -21.54 8.57 20.38
N CYS A 813 -22.77 8.99 20.07
CA CYS A 813 -23.80 9.23 21.08
C CYS A 813 -24.74 8.05 21.26
N LYS A 814 -24.73 7.07 20.36
CA LYS A 814 -25.57 5.88 20.45
C LYS A 814 -27.06 6.25 20.44
N ALA A 815 -27.43 7.15 19.53
CA ALA A 815 -28.83 7.48 19.28
C ALA A 815 -29.32 6.69 18.09
N LEU A 816 -30.62 6.38 18.08
CA LEU A 816 -31.20 5.58 17.02
C LEU A 816 -31.06 6.31 15.68
N ALA A 817 -30.27 5.72 14.77
CA ALA A 817 -30.11 6.27 13.43
C ALA A 817 -31.18 5.73 12.50
N CYS A 818 -31.26 4.40 12.36
CA CYS A 818 -32.25 3.79 11.48
C CYS A 818 -32.36 2.31 11.81
N TYR A 819 -33.10 1.60 10.97
CA TYR A 819 -33.23 0.15 11.05
C TYR A 819 -32.65 -0.50 9.79
N THR A 820 -32.27 -1.77 9.92
CA THR A 820 -31.73 -2.48 8.76
C THR A 820 -32.79 -2.79 7.72
N ALA A 821 -34.07 -2.79 8.11
CA ALA A 821 -35.14 -3.01 7.14
C ALA A 821 -35.33 -1.82 6.21
N ASP A 822 -34.92 -0.63 6.65
CA ASP A 822 -34.98 0.57 5.81
C ASP A 822 -33.74 0.77 4.96
N VAL A 823 -32.71 -0.04 5.15
CA VAL A 823 -31.45 0.10 4.42
C VAL A 823 -31.61 -0.54 3.06
N ARG A 824 -31.59 0.28 2.00
CA ARG A 824 -31.62 -0.20 0.63
C ARG A 824 -30.23 -0.10 0.03
N VAL A 825 -29.85 -1.11 -0.74
CA VAL A 825 -28.56 -1.14 -1.43
C VAL A 825 -28.83 -1.08 -2.93
N ILE A 826 -28.08 -0.24 -3.63
CA ILE A 826 -28.41 0.07 -5.03
C ILE A 826 -27.79 -0.96 -5.96
N GLU A 827 -26.46 -1.03 -6.00
CA GLU A 827 -25.74 -1.97 -6.87
C GLU A 827 -24.70 -2.73 -6.06
N GLU A 828 -25.09 -3.24 -4.90
CA GLU A 828 -24.22 -3.94 -3.97
C GLU A 828 -23.07 -3.08 -3.47
N CYS A 829 -23.10 -1.77 -3.74
CA CYS A 829 -22.02 -0.89 -3.31
C CYS A 829 -22.50 0.48 -2.85
N HIS A 830 -23.81 0.73 -2.80
CA HIS A 830 -24.35 2.07 -2.54
C HIS A 830 -25.47 2.00 -1.51
N TYR A 831 -25.19 1.36 -0.38
CA TYR A 831 -26.14 1.21 0.71
C TYR A 831 -26.72 2.56 1.15
N THR A 832 -28.01 2.75 0.94
CA THR A 832 -28.72 3.96 1.34
C THR A 832 -29.85 3.60 2.29
N VAL A 833 -30.59 4.60 2.73
CA VAL A 833 -31.68 4.44 3.67
C VAL A 833 -32.97 4.95 3.03
N LEU A 834 -34.03 4.15 3.13
CA LEU A 834 -35.33 4.46 2.53
C LEU A 834 -36.30 4.83 3.66
N GLY A 835 -36.69 6.10 3.71
CA GLY A 835 -37.64 6.54 4.70
C GLY A 835 -37.50 8.00 5.07
N ASP A 836 -38.60 8.63 5.47
CA ASP A 836 -38.58 10.02 5.91
C ASP A 836 -38.25 10.17 7.39
N ALA A 837 -38.34 9.08 8.17
CA ALA A 837 -37.95 9.15 9.57
C ALA A 837 -36.44 9.30 9.72
N PHE A 838 -35.67 8.75 8.78
CA PHE A 838 -34.22 8.91 8.83
C PHE A 838 -33.81 10.32 8.43
N LYS A 839 -34.62 11.00 7.62
CA LYS A 839 -34.29 12.36 7.20
C LYS A 839 -34.27 13.34 8.36
N GLU A 840 -35.02 13.06 9.43
CA GLU A 840 -35.00 13.89 10.62
C GLU A 840 -33.88 13.53 11.58
N CYS A 841 -33.01 12.59 11.21
CA CYS A 841 -31.95 12.11 12.08
C CYS A 841 -30.57 12.60 11.68
N PHE A 842 -30.41 13.17 10.48
CA PHE A 842 -29.11 13.65 10.03
C PHE A 842 -29.23 15.09 9.54
N VAL A 843 -28.09 15.77 9.54
CA VAL A 843 -27.96 17.14 9.05
C VAL A 843 -26.90 17.16 7.97
N SER A 844 -27.17 17.87 6.88
CA SER A 844 -26.23 17.99 5.78
C SER A 844 -25.38 19.24 5.94
N ARG A 845 -24.08 19.10 5.75
CA ARG A 845 -23.16 20.23 5.84
C ARG A 845 -22.15 20.20 4.70
N ARG A 859 -19.67 15.98 -2.15
CA ARG A 859 -20.96 16.65 -2.02
C ARG A 859 -21.27 16.97 -0.56
N ALA A 860 -22.55 17.01 -0.23
CA ALA A 860 -22.97 17.33 1.13
C ALA A 860 -22.75 16.13 2.04
N LYS A 861 -21.93 16.31 3.07
CA LYS A 861 -21.69 15.26 4.05
C LYS A 861 -22.75 15.32 5.13
N ILE A 862 -23.26 14.14 5.53
CA ILE A 862 -24.35 14.06 6.50
C ILE A 862 -23.80 13.58 7.83
N PHE A 863 -24.19 14.29 8.89
CA PHE A 863 -23.74 14.04 10.25
C PHE A 863 -24.96 13.81 11.13
N CYS A 864 -24.70 13.40 12.38
CA CYS A 864 -25.78 13.18 13.33
C CYS A 864 -26.47 14.49 13.68
N ALA A 865 -27.74 14.39 14.09
CA ALA A 865 -28.56 15.55 14.38
C ALA A 865 -28.78 15.78 15.87
N ARG A 866 -28.05 15.09 16.74
CA ARG A 866 -28.22 15.29 18.16
C ARG A 866 -27.69 16.66 18.57
N GLN A 867 -27.90 17.00 19.84
CA GLN A 867 -27.53 18.31 20.37
C GLN A 867 -26.05 18.60 20.14
N ASN A 868 -25.18 17.82 20.76
CA ASN A 868 -23.74 17.90 20.51
C ASN A 868 -23.23 16.48 20.23
N CYS A 869 -23.43 16.02 19.00
CA CYS A 869 -22.78 14.79 18.55
C CYS A 869 -21.96 15.07 17.30
N SER A 870 -22.62 15.62 16.27
CA SER A 870 -22.01 15.96 15.00
C SER A 870 -21.13 14.84 14.44
N HIS A 871 -21.51 13.59 14.67
CA HIS A 871 -20.72 12.46 14.20
C HIS A 871 -20.98 12.22 12.72
N ASP A 872 -19.90 12.01 11.97
CA ASP A 872 -20.00 11.81 10.53
C ASP A 872 -20.71 10.49 10.22
N TRP A 873 -21.88 10.58 9.61
CA TRP A 873 -22.69 9.42 9.28
C TRP A 873 -22.53 8.95 7.84
N GLY A 874 -22.42 9.87 6.90
CA GLY A 874 -22.28 9.46 5.51
C GLY A 874 -22.16 10.65 4.60
N ILE A 875 -22.52 10.46 3.32
CA ILE A 875 -22.35 11.50 2.32
C ILE A 875 -23.48 11.42 1.31
N HIS A 876 -23.80 12.56 0.70
CA HIS A 876 -24.78 12.60 -0.38
C HIS A 876 -24.13 12.20 -1.68
N VAL A 877 -24.75 11.25 -2.39
CA VAL A 877 -24.27 10.84 -3.70
C VAL A 877 -25.33 11.20 -4.73
N LYS A 878 -24.93 11.15 -5.99
CA LYS A 878 -25.80 11.44 -7.12
C LYS A 878 -25.90 10.21 -8.00
N TYR A 879 -27.06 9.54 -7.96
CA TYR A 879 -27.33 8.42 -8.83
C TYR A 879 -27.79 8.93 -10.19
N LYS A 880 -28.38 8.04 -11.01
CA LYS A 880 -28.87 8.41 -12.33
C LYS A 880 -29.65 9.73 -12.31
N THR A 881 -30.75 9.76 -11.56
CA THR A 881 -31.55 10.97 -11.42
C THR A 881 -31.82 11.35 -9.96
N PHE A 882 -31.21 10.67 -9.00
CA PHE A 882 -31.51 10.89 -7.59
C PHE A 882 -30.31 11.50 -6.88
N GLU A 883 -30.58 12.06 -5.70
CA GLU A 883 -29.57 12.66 -4.83
C GLU A 883 -29.72 12.09 -3.41
N ILE A 884 -29.82 10.77 -3.32
CA ILE A 884 -30.06 10.09 -2.06
C ILE A 884 -28.79 10.03 -1.24
N PRO A 885 -28.86 10.08 0.09
CA PRO A 885 -27.66 9.99 0.91
C PRO A 885 -27.29 8.57 1.27
N VAL A 886 -26.00 8.23 1.19
CA VAL A 886 -25.51 6.92 1.58
C VAL A 886 -24.82 7.04 2.93
N ILE A 887 -24.85 5.94 3.68
CA ILE A 887 -24.28 5.88 5.02
C ILE A 887 -23.10 4.92 5.02
N LYS A 888 -22.34 4.94 6.10
CA LYS A 888 -21.18 4.07 6.29
C LYS A 888 -21.37 3.24 7.55
N ILE A 889 -21.11 1.94 7.44
CA ILE A 889 -21.30 1.04 8.56
C ILE A 889 -20.24 1.27 9.64
N GLU A 890 -19.10 1.86 9.29
CA GLU A 890 -18.06 2.18 10.27
C GLU A 890 -18.42 3.36 11.15
N SER A 891 -19.65 3.88 11.02
CA SER A 891 -20.12 4.99 11.83
C SER A 891 -21.30 4.62 12.72
N PHE A 892 -21.69 3.34 12.75
CA PHE A 892 -22.88 2.93 13.47
C PHE A 892 -22.59 1.67 14.29
N VAL A 893 -23.34 1.54 15.38
CA VAL A 893 -23.38 0.32 16.18
C VAL A 893 -24.63 -0.45 15.80
N VAL A 894 -24.50 -1.77 15.69
CA VAL A 894 -25.58 -2.62 15.21
C VAL A 894 -26.14 -3.39 16.39
N GLU A 895 -27.33 -3.00 16.85
CA GLU A 895 -27.99 -3.64 17.99
C GLU A 895 -29.11 -4.54 17.50
N ASP A 896 -29.14 -5.76 18.03
CA ASP A 896 -30.23 -6.68 17.68
C ASP A 896 -31.52 -6.26 18.36
N ILE A 897 -32.64 -6.61 17.73
CA ILE A 897 -33.95 -6.30 18.29
C ILE A 897 -34.35 -7.29 19.37
N ALA A 898 -34.24 -8.58 19.08
CA ALA A 898 -34.58 -9.60 20.07
C ALA A 898 -33.56 -9.60 21.21
N THR A 899 -32.30 -9.84 20.89
CA THR A 899 -31.23 -9.82 21.88
C THR A 899 -30.80 -8.36 22.09
N GLY A 900 -29.69 -8.16 22.81
CA GLY A 900 -29.19 -6.82 23.05
C GLY A 900 -27.74 -6.64 22.65
N VAL A 901 -27.18 -7.61 21.94
CA VAL A 901 -25.79 -7.50 21.51
C VAL A 901 -25.65 -6.36 20.51
N GLN A 902 -24.45 -5.78 20.47
CA GLN A 902 -24.21 -4.55 19.72
C GLN A 902 -22.93 -4.67 18.90
N THR A 903 -22.80 -5.76 18.16
CA THR A 903 -21.58 -6.04 17.39
C THR A 903 -21.19 -4.87 16.49
N LEU A 904 -19.89 -4.67 16.34
CA LEU A 904 -19.33 -3.62 15.51
C LEU A 904 -18.75 -4.21 14.23
N TYR A 905 -18.89 -3.46 13.13
CA TYR A 905 -18.44 -3.93 11.82
C TYR A 905 -17.61 -2.84 11.17
N SER A 906 -16.55 -3.25 10.47
CA SER A 906 -15.65 -2.34 9.78
C SER A 906 -16.12 -2.01 8.37
N LYS A 907 -16.60 -3.01 7.63
CA LYS A 907 -17.10 -2.80 6.28
C LYS A 907 -18.42 -3.54 6.13
N TRP A 908 -19.17 -3.15 5.10
CA TRP A 908 -20.50 -3.73 4.87
C TRP A 908 -20.44 -5.20 4.54
N LYS A 909 -19.31 -5.70 4.03
CA LYS A 909 -19.21 -7.11 3.71
C LYS A 909 -19.17 -7.97 4.97
N ASP A 910 -18.70 -7.42 6.08
CA ASP A 910 -18.71 -8.16 7.35
C ASP A 910 -20.11 -8.24 7.95
N PHE A 911 -20.97 -7.28 7.61
CA PHE A 911 -22.34 -7.24 8.11
C PHE A 911 -23.22 -8.08 7.20
N HIS A 912 -23.64 -9.25 7.69
CA HIS A 912 -24.48 -10.17 6.92
C HIS A 912 -25.92 -9.95 7.34
N PHE A 913 -26.69 -9.28 6.47
CA PHE A 913 -28.11 -9.07 6.70
C PHE A 913 -28.83 -9.10 5.36
N GLU A 914 -30.15 -9.14 5.40
CA GLU A 914 -30.96 -9.24 4.18
C GLU A 914 -30.92 -7.91 3.45
N LYS A 915 -30.04 -7.80 2.47
CA LYS A 915 -29.83 -6.56 1.72
C LYS A 915 -30.83 -6.52 0.57
N ILE A 916 -31.87 -5.72 0.72
CA ILE A 916 -32.89 -5.60 -0.32
C ILE A 916 -32.40 -4.61 -1.38
N PRO A 917 -32.48 -4.96 -2.67
CA PRO A 917 -32.04 -4.02 -3.70
C PRO A 917 -32.91 -2.78 -3.76
N PHE A 918 -32.28 -1.66 -4.11
CA PHE A 918 -33.00 -0.40 -4.19
C PHE A 918 -33.87 -0.36 -5.44
N ASP A 919 -35.09 0.13 -5.27
CA ASP A 919 -36.04 0.27 -6.37
C ASP A 919 -36.55 1.70 -6.38
N PRO A 920 -36.49 2.40 -7.53
CA PRO A 920 -36.93 3.81 -7.54
C PRO A 920 -38.42 3.99 -7.33
N ALA A 921 -39.23 2.94 -7.50
CA ALA A 921 -40.66 3.05 -7.31
C ALA A 921 -41.08 2.48 -5.96
ZN ZN C . -24.93 10.77 17.06
MG MG D . 11.04 -2.77 -15.33
PB ADP E . 14.39 -2.29 -16.05
O1B ADP E . 15.34 -2.75 -17.14
O2B ADP E . 13.06 -3.01 -16.05
O3B ADP E . 15.03 -2.18 -14.69
PA ADP E . 13.40 -0.38 -17.86
O1A ADP E . 12.08 0.31 -17.62
O2A ADP E . 13.44 -1.58 -18.77
O3A ADP E . 14.01 -0.78 -16.43
O5' ADP E . 14.42 0.72 -18.43
C5' ADP E . 15.75 0.39 -18.78
C4' ADP E . 16.33 1.54 -19.61
O4' ADP E . 17.54 1.12 -20.24
C3' ADP E . 15.37 1.96 -20.71
O3' ADP E . 14.89 3.28 -20.45
C2' ADP E . 16.17 1.94 -21.99
O2' ADP E . 16.15 3.23 -22.60
C1' ADP E . 17.59 1.57 -21.59
N9 ADP E . 18.09 0.49 -22.47
C8 ADP E . 17.74 -0.81 -22.40
N7 ADP E . 18.39 -1.54 -23.35
C5 ADP E . 19.18 -0.69 -24.04
C6 ADP E . 20.14 -0.81 -25.17
N6 ADP E . 20.38 -2.00 -25.77
N1 ADP E . 20.75 0.31 -25.58
C2 ADP E . 20.52 1.51 -25.00
N3 ADP E . 19.68 1.68 -23.97
C4 ADP E . 18.98 0.64 -23.45
#